data_2I44
#
_entry.id   2I44
#
_cell.length_a   96.400
_cell.length_b   192.960
_cell.length_c   61.440
_cell.angle_alpha   90.00
_cell.angle_beta   90.00
_cell.angle_gamma   90.00
#
_symmetry.space_group_name_H-M   'P 21 21 2'
#
loop_
_entity.id
_entity.type
_entity.pdbx_description
1 polymer 'Serine-threonine phosphatase 2C'
2 non-polymer 'CALCIUM ION'
3 water water
#
_entity_poly.entity_id   1
_entity_poly.type   'polypeptide(L)'
_entity_poly.pdbx_seq_one_letter_code
;SLT(MSE)DVPPTIHVPLPPTSYPAFDAAIFTDIGGRKHQEDRFTLCPQLVPGRDDCAFFGVFDGTVGDFASENVKDLVV
PQLISSPAWQEVTE(MSE)LRSDVPATEVDEKLPQLLDQAVDD(MSE)YKNADNELVK(MSE)CEQLNKDYASSTSVTAV
LAKGFVAVGHLGDSRIA(MSE)GVETPNGLNCEFLTVDHKPD(MSE)PHEKLRI(MSE)RNGGSVEYLHNHNNKPFIRGG
DFSFRKSRGEQP(MSE)QLQYSRAFGGKDLK(MSE)YGLSNQPDVRVVRVTPQHRV(MSE)ILATDGLWDV(MSE)SAAQ
AVEIA(MSE)QARQEGRNPAQALVE(MSE)TLAEQQSRNQSADNITA(MSE)TVFFKKTD
;
_entity_poly.pdbx_strand_id   A,B,C
#
# COMPACT_ATOMS: atom_id res chain seq x y z
N ASP A 5 17.79 -3.47 -15.75
CA ASP A 5 16.32 -3.46 -15.48
C ASP A 5 16.01 -3.47 -13.98
N VAL A 6 16.90 -4.07 -13.19
CA VAL A 6 16.70 -4.11 -11.75
C VAL A 6 17.66 -3.12 -11.09
N PRO A 7 17.16 -2.23 -10.22
CA PRO A 7 18.01 -1.25 -9.56
C PRO A 7 19.02 -1.94 -8.64
N PRO A 8 20.21 -1.36 -8.49
CA PRO A 8 21.25 -1.95 -7.64
C PRO A 8 20.76 -2.20 -6.21
N THR A 9 21.14 -3.34 -5.65
CA THR A 9 20.76 -3.72 -4.30
C THR A 9 21.99 -4.03 -3.45
N ILE A 10 21.84 -3.90 -2.14
CA ILE A 10 22.93 -4.19 -1.23
C ILE A 10 22.60 -5.43 -0.40
N HIS A 11 23.60 -6.30 -0.23
CA HIS A 11 23.41 -7.53 0.53
C HIS A 11 24.57 -7.82 1.48
N VAL A 12 25.36 -6.80 1.77
CA VAL A 12 26.50 -6.95 2.68
C VAL A 12 26.38 -5.92 3.77
N PRO A 13 27.09 -6.11 4.90
CA PRO A 13 27.03 -5.15 6.01
C PRO A 13 27.24 -3.74 5.47
N LEU A 14 26.43 -2.80 5.96
CA LEU A 14 26.51 -1.42 5.51
C LEU A 14 26.73 -0.44 6.66
N PRO A 15 27.94 0.13 6.75
CA PRO A 15 28.16 1.08 7.85
C PRO A 15 27.28 2.31 7.58
N PRO A 16 27.17 3.22 8.56
CA PRO A 16 26.37 4.45 8.46
C PRO A 16 26.52 5.13 7.09
N THR A 17 25.46 5.10 6.29
CA THR A 17 25.47 5.70 4.95
C THR A 17 24.29 6.66 4.74
N SER A 18 24.60 7.88 4.31
CA SER A 18 23.58 8.91 4.07
C SER A 18 22.96 8.90 2.68
N TYR A 19 21.64 8.87 2.64
CA TYR A 19 20.90 8.89 1.38
C TYR A 19 19.95 10.08 1.42
N PRO A 20 19.43 10.50 0.25
CA PRO A 20 18.52 11.64 0.19
C PRO A 20 17.41 11.68 1.23
N ALA A 21 16.64 10.60 1.34
CA ALA A 21 15.52 10.57 2.28
C ALA A 21 15.76 9.80 3.58
N PHE A 22 16.97 9.31 3.81
CA PHE A 22 17.23 8.55 5.03
C PHE A 22 18.67 8.11 5.16
N ASP A 23 19.07 7.75 6.37
CA ASP A 23 20.42 7.24 6.62
C ASP A 23 20.20 5.79 7.01
N ALA A 24 21.08 4.90 6.54
CA ALA A 24 20.91 3.50 6.86
C ALA A 24 22.18 2.81 7.28
N ALA A 25 22.01 1.73 8.03
CA ALA A 25 23.13 0.93 8.52
C ALA A 25 22.62 -0.50 8.61
N ILE A 26 23.50 -1.46 8.36
CA ILE A 26 23.12 -2.86 8.43
C ILE A 26 24.27 -3.63 9.03
N PHE A 27 23.97 -4.46 10.04
CA PHE A 27 25.00 -5.26 10.67
C PHE A 27 24.43 -6.64 10.98
N THR A 28 25.25 -7.67 10.85
CA THR A 28 24.82 -9.03 11.12
C THR A 28 25.93 -9.79 11.84
N ASP A 29 25.55 -10.86 12.53
CA ASP A 29 26.52 -11.67 13.25
C ASP A 29 25.99 -13.09 13.33
N ILE A 30 26.87 -14.06 13.20
CA ILE A 30 26.49 -15.46 13.24
C ILE A 30 26.09 -15.91 14.64
N GLY A 31 26.58 -15.20 15.65
CA GLY A 31 26.26 -15.57 17.01
C GLY A 31 26.87 -16.92 17.34
N GLY A 32 26.12 -17.76 18.02
CA GLY A 32 26.64 -19.07 18.37
C GLY A 32 26.14 -20.23 17.54
N ARG A 33 25.50 -19.92 16.41
CA ARG A 33 24.96 -20.96 15.54
C ARG A 33 26.06 -21.52 14.63
N LYS A 34 25.87 -22.73 14.11
CA LYS A 34 26.87 -23.32 13.23
C LYS A 34 26.79 -22.73 11.82
N HIS A 35 25.66 -22.09 11.50
CA HIS A 35 25.46 -21.49 10.18
C HIS A 35 24.93 -20.07 10.29
N GLN A 36 25.17 -19.27 9.26
CA GLN A 36 24.65 -17.91 9.22
C GLN A 36 23.50 -18.00 8.22
N GLU A 37 22.27 -18.04 8.73
CA GLU A 37 21.11 -18.17 7.86
C GLU A 37 20.27 -16.92 7.72
N ASP A 38 20.76 -15.81 8.26
CA ASP A 38 20.08 -14.52 8.15
C ASP A 38 20.56 -13.89 6.84
N ARG A 39 19.66 -13.20 6.16
CA ARG A 39 19.99 -12.52 4.92
C ARG A 39 19.27 -11.17 4.90
N PHE A 40 19.63 -10.30 3.96
CA PHE A 40 18.99 -9.00 3.90
C PHE A 40 19.20 -8.34 2.54
N THR A 41 18.37 -7.34 2.26
CA THR A 41 18.43 -6.65 0.99
C THR A 41 18.04 -5.19 1.18
N LEU A 42 18.83 -4.31 0.59
CA LEU A 42 18.55 -2.88 0.67
C LEU A 42 18.72 -2.25 -0.72
N CYS A 43 17.66 -1.65 -1.23
CA CYS A 43 17.70 -0.99 -2.53
C CYS A 43 17.54 0.51 -2.29
N PRO A 44 18.65 1.26 -2.22
CA PRO A 44 18.64 2.71 -1.99
C PRO A 44 17.82 3.56 -2.95
N GLN A 45 17.83 3.22 -4.23
CA GLN A 45 17.04 3.96 -5.22
C GLN A 45 16.19 2.95 -5.97
N LEU A 46 14.95 2.78 -5.50
CA LEU A 46 14.03 1.81 -6.09
C LEU A 46 13.39 2.27 -7.40
N VAL A 47 13.16 3.58 -7.53
CA VAL A 47 12.55 4.12 -8.74
C VAL A 47 13.50 5.06 -9.47
N PRO A 48 14.02 4.64 -10.64
CA PRO A 48 14.93 5.47 -11.43
C PRO A 48 14.39 6.87 -11.67
N GLY A 49 15.24 7.87 -11.46
CA GLY A 49 14.84 9.25 -11.67
C GLY A 49 14.30 9.90 -10.41
N ARG A 50 14.04 9.11 -9.37
CA ARG A 50 13.52 9.66 -8.12
C ARG A 50 14.53 9.42 -7.00
N ASP A 51 14.36 10.15 -5.90
CA ASP A 51 15.28 10.00 -4.79
C ASP A 51 14.51 9.84 -3.48
N ASP A 52 13.26 9.41 -3.57
CA ASP A 52 12.44 9.23 -2.39
C ASP A 52 11.79 7.84 -2.33
N CYS A 53 12.42 6.87 -2.99
CA CYS A 53 11.93 5.49 -3.00
C CYS A 53 13.04 4.50 -2.67
N ALA A 54 12.74 3.56 -1.78
CA ALA A 54 13.73 2.57 -1.41
C ALA A 54 13.05 1.31 -0.89
N PHE A 55 13.78 0.20 -0.92
CA PHE A 55 13.28 -1.09 -0.45
C PHE A 55 14.18 -1.58 0.69
N PHE A 56 13.55 -2.16 1.71
CA PHE A 56 14.28 -2.68 2.86
C PHE A 56 13.76 -4.07 3.17
N GLY A 57 14.68 -5.02 3.33
CA GLY A 57 14.27 -6.38 3.64
C GLY A 57 15.29 -7.17 4.44
N VAL A 58 14.80 -7.93 5.41
CA VAL A 58 15.64 -8.78 6.24
C VAL A 58 14.98 -10.15 6.25
N PHE A 59 15.79 -11.21 6.17
CA PHE A 59 15.23 -12.55 6.11
C PHE A 59 15.88 -13.56 7.04
N ASP A 60 15.07 -14.16 7.92
CA ASP A 60 15.58 -15.16 8.86
C ASP A 60 15.34 -16.56 8.29
N GLY A 61 16.39 -17.17 7.74
CA GLY A 61 16.25 -18.49 7.18
C GLY A 61 16.34 -19.57 8.24
N THR A 62 15.83 -20.75 7.90
CA THR A 62 15.87 -21.89 8.81
C THR A 62 15.89 -23.17 7.95
N VAL A 63 16.56 -24.21 8.47
CA VAL A 63 16.73 -25.48 7.78
C VAL A 63 17.59 -25.18 6.55
N GLY A 64 18.80 -24.69 6.81
CA GLY A 64 19.70 -24.33 5.73
C GLY A 64 19.46 -22.88 5.35
N ASP A 65 20.37 -22.30 4.58
CA ASP A 65 20.23 -20.90 4.17
C ASP A 65 19.64 -20.75 2.77
N PHE A 66 19.22 -21.86 2.17
CA PHE A 66 18.70 -21.82 0.81
C PHE A 66 17.58 -20.80 0.56
N ALA A 67 16.53 -20.85 1.37
CA ALA A 67 15.41 -19.92 1.18
C ALA A 67 15.79 -18.46 1.36
N SER A 68 16.48 -18.13 2.45
CA SER A 68 16.86 -16.73 2.68
C SER A 68 17.90 -16.24 1.66
N GLU A 69 18.86 -17.11 1.32
CA GLU A 69 19.89 -16.73 0.36
C GLU A 69 19.33 -16.35 -1.00
N ASN A 70 18.31 -17.08 -1.44
CA ASN A 70 17.70 -16.83 -2.74
C ASN A 70 16.59 -15.78 -2.73
N VAL A 71 15.63 -15.93 -1.82
CA VAL A 71 14.50 -14.99 -1.78
C VAL A 71 14.98 -13.54 -1.75
N LYS A 72 16.16 -13.30 -1.17
CA LYS A 72 16.68 -11.95 -1.06
C LYS A 72 16.94 -11.30 -2.42
N ASP A 73 17.21 -12.11 -3.43
CA ASP A 73 17.49 -11.61 -4.77
C ASP A 73 16.24 -11.64 -5.64
N LEU A 74 15.14 -12.16 -5.10
CA LEU A 74 13.90 -12.25 -5.86
C LEU A 74 12.88 -11.15 -5.55
N VAL A 75 12.93 -10.60 -4.35
CA VAL A 75 11.97 -9.57 -3.95
C VAL A 75 11.94 -8.28 -4.77
N VAL A 76 13.08 -7.66 -5.01
CA VAL A 76 13.06 -6.42 -5.78
C VAL A 76 12.61 -6.67 -7.22
N PRO A 77 13.19 -7.68 -7.90
CA PRO A 77 12.77 -7.94 -9.28
C PRO A 77 11.26 -8.24 -9.37
N GLN A 78 10.76 -9.08 -8.48
CA GLN A 78 9.35 -9.41 -8.49
C GLN A 78 8.49 -8.20 -8.16
N LEU A 79 8.95 -7.37 -7.24
CA LEU A 79 8.21 -6.17 -6.85
C LEU A 79 7.96 -5.25 -8.03
N ILE A 80 9.04 -4.84 -8.70
CA ILE A 80 8.92 -3.93 -9.82
C ILE A 80 8.32 -4.53 -11.09
N SER A 81 8.19 -5.85 -11.15
CA SER A 81 7.61 -6.50 -12.32
C SER A 81 6.09 -6.52 -12.14
N SER A 82 5.65 -6.10 -10.95
CA SER A 82 4.24 -6.07 -10.63
C SER A 82 3.45 -5.03 -11.42
N PRO A 83 2.36 -5.45 -12.08
CA PRO A 83 1.56 -4.50 -12.84
C PRO A 83 1.11 -3.42 -11.87
N ALA A 84 0.97 -3.80 -10.61
CA ALA A 84 0.56 -2.88 -9.55
C ALA A 84 1.65 -1.84 -9.35
N TRP A 85 2.90 -2.28 -9.48
CA TRP A 85 4.02 -1.37 -9.31
C TRP A 85 4.18 -0.48 -10.55
N GLN A 86 3.82 -1.01 -11.71
CA GLN A 86 3.91 -0.24 -12.94
C GLN A 86 2.97 0.95 -12.77
N GLU A 87 1.82 0.71 -12.15
CA GLU A 87 0.86 1.77 -11.92
C GLU A 87 1.40 2.75 -10.87
N VAL A 88 2.27 2.25 -9.98
CA VAL A 88 2.85 3.14 -8.99
C VAL A 88 3.85 4.05 -9.69
N THR A 89 4.61 3.48 -10.61
CA THR A 89 5.58 4.23 -11.36
C THR A 89 4.90 5.25 -12.28
N GLU A 90 3.86 4.82 -12.99
CA GLU A 90 3.14 5.70 -13.90
C GLU A 90 2.55 6.91 -13.18
N LEU A 92 3.55 8.23 -10.28
CA LEU A 92 4.60 9.09 -9.76
C LEU A 92 5.15 9.96 -10.89
N ARG A 93 5.05 9.47 -12.11
CA ARG A 93 5.54 10.19 -13.29
C ARG A 93 4.44 10.97 -14.00
N SER A 94 3.27 11.06 -13.39
CA SER A 94 2.13 11.75 -14.00
C SER A 94 1.85 13.12 -13.39
N ASP A 95 0.85 13.80 -13.95
CA ASP A 95 0.43 15.11 -13.48
C ASP A 95 -0.53 14.95 -12.31
N VAL A 96 -1.32 13.88 -12.35
CA VAL A 96 -2.29 13.56 -11.29
C VAL A 96 -2.09 14.42 -10.04
N PRO A 97 -3.18 15.08 -9.57
CA PRO A 97 -3.13 15.93 -8.37
C PRO A 97 -2.53 15.23 -7.17
N ALA A 98 -1.71 15.96 -6.40
CA ALA A 98 -1.08 15.41 -5.20
C ALA A 98 -2.13 14.73 -4.31
N THR A 99 -3.10 15.49 -3.84
CA THR A 99 -4.15 14.95 -2.99
C THR A 99 -4.60 13.59 -3.51
N GLU A 100 -4.66 13.47 -4.82
CA GLU A 100 -5.10 12.25 -5.48
C GLU A 100 -4.06 11.14 -5.34
N VAL A 101 -2.79 11.49 -5.51
CA VAL A 101 -1.71 10.54 -5.37
C VAL A 101 -1.80 9.95 -3.98
N ASP A 102 -1.58 10.80 -2.99
CA ASP A 102 -1.62 10.40 -1.58
C ASP A 102 -2.87 9.62 -1.21
N GLU A 103 -3.89 9.69 -2.04
CA GLU A 103 -5.12 8.97 -1.76
C GLU A 103 -5.15 7.59 -2.40
N LYS A 104 -4.49 7.46 -3.54
CA LYS A 104 -4.49 6.18 -4.25
C LYS A 104 -3.20 5.38 -4.06
N LEU A 105 -2.10 6.07 -3.81
CA LEU A 105 -0.79 5.44 -3.64
C LEU A 105 -0.76 4.33 -2.60
N PRO A 106 -1.41 4.51 -1.43
CA PRO A 106 -1.41 3.46 -0.40
C PRO A 106 -1.93 2.10 -0.87
N GLN A 107 -3.09 2.07 -1.52
CA GLN A 107 -3.61 0.80 -1.98
C GLN A 107 -2.80 0.20 -3.12
N LEU A 108 -2.17 1.05 -3.93
CA LEU A 108 -1.34 0.55 -5.02
C LEU A 108 -0.10 -0.11 -4.41
N LEU A 109 0.44 0.51 -3.37
CA LEU A 109 1.62 -0.02 -2.70
C LEU A 109 1.27 -1.33 -1.98
N ASP A 110 0.10 -1.37 -1.35
CA ASP A 110 -0.35 -2.56 -0.66
C ASP A 110 -0.40 -3.72 -1.64
N GLN A 111 -1.12 -3.50 -2.73
CA GLN A 111 -1.27 -4.53 -3.78
C GLN A 111 0.06 -4.97 -4.36
N ALA A 112 0.98 -4.04 -4.58
CA ALA A 112 2.27 -4.39 -5.15
C ALA A 112 3.09 -5.28 -4.19
N VAL A 113 3.05 -4.96 -2.91
CA VAL A 113 3.78 -5.74 -1.92
C VAL A 113 3.16 -7.13 -1.87
N ASP A 114 1.84 -7.19 -1.96
CA ASP A 114 1.15 -8.47 -1.93
C ASP A 114 1.61 -9.31 -3.12
N ASP A 115 1.65 -8.70 -4.30
CA ASP A 115 2.08 -9.38 -5.52
C ASP A 115 3.52 -9.87 -5.38
N TYR A 117 5.26 -10.69 -2.65
CA TYR A 117 5.35 -11.86 -1.78
C TYR A 117 4.93 -13.14 -2.46
N LYS A 118 3.72 -13.16 -3.00
CA LYS A 118 3.21 -14.36 -3.67
C LYS A 118 4.02 -14.77 -4.89
N ASN A 119 4.45 -13.80 -5.70
CA ASN A 119 5.22 -14.14 -6.89
C ASN A 119 6.65 -14.56 -6.54
N ALA A 120 7.23 -13.90 -5.54
CA ALA A 120 8.57 -14.27 -5.13
C ALA A 120 8.54 -15.66 -4.50
N ASP A 121 7.45 -16.00 -3.82
CA ASP A 121 7.40 -17.31 -3.20
C ASP A 121 7.17 -18.41 -4.23
N ASN A 122 6.36 -18.14 -5.24
CA ASN A 122 6.11 -19.14 -6.27
C ASN A 122 7.43 -19.47 -6.96
N GLU A 123 8.20 -18.45 -7.27
CA GLU A 123 9.48 -18.67 -7.93
C GLU A 123 10.46 -19.41 -7.03
N LEU A 124 10.48 -19.04 -5.75
CA LEU A 124 11.36 -19.70 -4.80
C LEU A 124 11.00 -21.18 -4.66
N VAL A 125 9.71 -21.46 -4.46
CA VAL A 125 9.23 -22.84 -4.30
C VAL A 125 9.56 -23.71 -5.50
N LYS A 126 9.50 -23.14 -6.71
CA LYS A 126 9.84 -23.91 -7.90
C LYS A 126 11.32 -24.23 -7.88
N CYS A 128 13.00 -24.64 -5.11
CA CYS A 128 13.12 -25.66 -4.07
C CYS A 128 12.75 -27.02 -4.64
N GLU A 129 11.80 -27.03 -5.57
CA GLU A 129 11.37 -28.27 -6.21
C GLU A 129 12.47 -28.79 -7.12
N GLN A 130 13.14 -27.87 -7.80
CA GLN A 130 14.23 -28.21 -8.70
C GLN A 130 15.41 -28.81 -7.95
N LEU A 131 15.88 -28.10 -6.93
CA LEU A 131 17.04 -28.53 -6.15
C LEU A 131 16.71 -29.41 -4.94
N ASN A 132 15.50 -29.95 -4.90
CA ASN A 132 15.08 -30.82 -3.81
C ASN A 132 15.26 -30.27 -2.39
N LYS A 133 14.85 -29.02 -2.18
CA LYS A 133 14.94 -28.38 -0.86
C LYS A 133 13.54 -28.49 -0.26
N ASP A 134 13.27 -29.58 0.45
CA ASP A 134 11.95 -29.83 1.03
C ASP A 134 11.43 -28.90 2.10
N TYR A 135 12.31 -28.46 3.00
CA TYR A 135 11.85 -27.60 4.09
C TYR A 135 12.54 -26.25 4.23
N ALA A 136 13.54 -25.98 3.40
CA ALA A 136 14.22 -24.70 3.48
C ALA A 136 13.17 -23.60 3.47
N SER A 137 13.17 -22.78 4.52
CA SER A 137 12.22 -21.69 4.66
C SER A 137 12.90 -20.41 5.15
N SER A 138 12.12 -19.33 5.20
CA SER A 138 12.62 -18.05 5.68
C SER A 138 11.48 -17.10 6.06
N THR A 139 11.71 -16.32 7.11
CA THR A 139 10.71 -15.34 7.51
C THR A 139 11.04 -14.15 6.62
N SER A 140 10.25 -13.10 6.76
CA SER A 140 10.47 -11.90 6.01
C SER A 140 9.78 -10.68 6.62
N VAL A 141 10.52 -9.57 6.65
CA VAL A 141 9.99 -8.29 7.09
C VAL A 141 10.52 -7.37 6.01
N THR A 142 9.63 -6.71 5.30
CA THR A 142 10.04 -5.80 4.24
C THR A 142 9.38 -4.45 4.41
N ALA A 143 10.00 -3.43 3.83
CA ALA A 143 9.48 -2.07 3.90
C ALA A 143 9.74 -1.39 2.57
N VAL A 144 8.70 -0.83 1.99
CA VAL A 144 8.84 -0.13 0.72
C VAL A 144 8.57 1.35 0.97
N LEU A 145 9.61 2.17 0.85
CA LEU A 145 9.50 3.61 1.04
C LEU A 145 9.21 4.22 -0.33
N ALA A 146 8.15 5.03 -0.42
CA ALA A 146 7.77 5.67 -1.68
C ALA A 146 6.95 6.93 -1.41
N LYS A 147 7.50 8.07 -1.80
CA LYS A 147 6.87 9.37 -1.64
C LYS A 147 6.16 9.56 -0.30
N GLY A 148 6.93 9.45 0.79
CA GLY A 148 6.35 9.65 2.11
C GLY A 148 5.57 8.51 2.71
N PHE A 149 5.45 7.40 1.99
CA PHE A 149 4.72 6.24 2.49
C PHE A 149 5.63 5.04 2.65
N VAL A 150 5.36 4.24 3.67
CA VAL A 150 6.14 3.04 3.90
C VAL A 150 5.16 1.88 3.93
N ALA A 151 5.29 0.99 2.95
CA ALA A 151 4.44 -0.19 2.85
C ALA A 151 5.16 -1.33 3.54
N VAL A 152 4.70 -1.67 4.74
CA VAL A 152 5.29 -2.75 5.51
C VAL A 152 4.62 -4.09 5.20
N GLY A 153 5.45 -5.11 4.96
CA GLY A 153 4.93 -6.43 4.70
C GLY A 153 5.77 -7.43 5.48
N HIS A 154 5.20 -8.58 5.83
CA HIS A 154 5.96 -9.59 6.53
C HIS A 154 5.33 -10.97 6.55
N LEU A 155 6.19 -11.95 6.80
CA LEU A 155 5.81 -13.34 6.91
C LEU A 155 6.69 -13.91 7.99
N GLY A 156 6.10 -14.51 9.02
CA GLY A 156 6.93 -15.11 10.05
C GLY A 156 7.07 -14.36 11.36
N ASP A 157 8.21 -14.50 12.01
CA ASP A 157 8.40 -13.85 13.29
C ASP A 157 9.56 -12.87 13.38
N SER A 158 9.98 -12.33 12.24
CA SER A 158 11.00 -11.29 12.25
C SER A 158 10.12 -10.05 12.43
N ARG A 159 10.67 -8.95 12.94
CA ARG A 159 9.85 -7.78 13.18
C ARG A 159 10.44 -6.43 12.77
N ILE A 160 9.56 -5.46 12.65
CA ILE A 160 9.95 -4.08 12.33
C ILE A 160 9.49 -3.20 13.48
N ALA A 161 10.41 -2.44 14.07
CA ALA A 161 10.07 -1.54 15.17
C ALA A 161 10.13 -0.11 14.64
N GLY A 163 10.24 4.14 15.79
CA GLY A 163 10.38 5.16 16.80
C GLY A 163 9.79 6.46 16.28
N VAL A 164 8.79 6.98 16.98
CA VAL A 164 8.13 8.23 16.58
C VAL A 164 8.11 9.17 17.78
N GLU A 165 8.63 10.38 17.59
CA GLU A 165 8.68 11.37 18.66
C GLU A 165 7.32 12.02 18.90
N THR A 166 6.94 12.16 20.18
CA THR A 166 5.68 12.79 20.57
C THR A 166 6.04 13.84 21.62
N PRO A 167 5.10 14.73 21.94
CA PRO A 167 5.46 15.73 22.96
C PRO A 167 5.80 15.09 24.30
N ASN A 168 5.34 13.87 24.51
CA ASN A 168 5.60 13.17 25.77
C ASN A 168 6.71 12.14 25.68
N GLY A 169 7.54 12.24 24.65
CA GLY A 169 8.63 11.28 24.53
C GLY A 169 8.55 10.43 23.27
N LEU A 170 9.52 9.52 23.13
CA LEU A 170 9.59 8.65 21.97
C LEU A 170 8.58 7.51 22.05
N ASN A 171 7.73 7.39 21.03
CA ASN A 171 6.72 6.34 20.95
C ASN A 171 7.36 5.19 20.17
N CYS A 172 7.43 4.01 20.80
CA CYS A 172 8.05 2.85 20.18
C CYS A 172 7.12 1.66 20.10
N GLU A 173 6.95 1.12 18.89
CA GLU A 173 6.05 -0.01 18.69
C GLU A 173 6.53 -0.90 17.55
N PHE A 174 5.99 -2.12 17.49
CA PHE A 174 6.29 -3.03 16.40
C PHE A 174 5.19 -2.79 15.38
N LEU A 175 5.53 -2.80 14.09
CA LEU A 175 4.51 -2.60 13.06
C LEU A 175 4.03 -3.96 12.55
N THR A 176 4.61 -5.02 13.07
CA THR A 176 4.23 -6.37 12.66
C THR A 176 4.00 -7.30 13.85
N VAL A 177 3.04 -8.19 13.69
CA VAL A 177 2.71 -9.17 14.72
C VAL A 177 3.11 -10.54 14.15
N ASP A 178 3.86 -11.32 14.93
CA ASP A 178 4.33 -12.63 14.48
C ASP A 178 3.23 -13.57 14.01
N HIS A 179 3.51 -14.35 12.98
CA HIS A 179 2.56 -15.35 12.52
C HIS A 179 2.93 -16.61 13.29
N LYS A 180 2.15 -16.91 14.31
CA LYS A 180 2.38 -18.06 15.16
C LYS A 180 1.31 -19.12 14.92
N PRO A 181 1.70 -20.40 14.85
CA PRO A 181 0.77 -21.51 14.62
C PRO A 181 -0.37 -21.63 15.62
N ASP A 182 -0.19 -21.12 16.84
CA ASP A 182 -1.27 -21.22 17.82
C ASP A 182 -2.27 -20.06 17.76
N PRO A 184 -5.37 -18.55 16.85
CA PRO A 184 -6.61 -19.19 16.42
C PRO A 184 -6.84 -19.38 14.92
N HIS A 185 -6.85 -18.29 14.14
CA HIS A 185 -7.08 -18.46 12.72
C HIS A 185 -5.93 -19.13 11.97
N GLU A 186 -4.69 -19.03 12.47
CA GLU A 186 -3.57 -19.70 11.80
C GLU A 186 -3.76 -21.19 12.03
N LYS A 187 -4.03 -21.55 13.28
CA LYS A 187 -4.25 -22.93 13.67
C LYS A 187 -5.38 -23.52 12.85
N LEU A 188 -6.45 -22.75 12.68
CA LEU A 188 -7.60 -23.20 11.92
C LEU A 188 -7.20 -23.55 10.49
N ARG A 189 -6.40 -22.68 9.88
CA ARG A 189 -5.97 -22.93 8.51
C ARG A 189 -5.11 -24.19 8.39
N ILE A 190 -4.21 -24.37 9.34
CA ILE A 190 -3.32 -25.52 9.32
C ILE A 190 -4.08 -26.85 9.40
N ARG A 192 -7.28 -27.31 8.63
CA ARG A 192 -8.15 -27.47 7.46
C ARG A 192 -7.36 -28.03 6.30
N ASN A 193 -6.07 -27.71 6.25
CA ASN A 193 -5.23 -28.19 5.17
C ASN A 193 -4.48 -29.48 5.51
N GLY A 194 -4.95 -30.18 6.53
CA GLY A 194 -4.35 -31.44 6.90
C GLY A 194 -3.07 -31.40 7.71
N GLY A 195 -2.67 -30.23 8.16
CA GLY A 195 -1.46 -30.16 8.97
C GLY A 195 -1.90 -30.19 10.42
N SER A 196 -0.98 -30.01 11.35
CA SER A 196 -1.37 -29.97 12.74
C SER A 196 -0.46 -28.98 13.45
N VAL A 197 -0.88 -28.56 14.63
CA VAL A 197 -0.11 -27.64 15.45
C VAL A 197 0.27 -28.45 16.68
N GLU A 198 1.56 -28.70 16.83
CA GLU A 198 2.08 -29.49 17.94
C GLU A 198 2.64 -28.68 19.10
N TYR A 199 2.20 -29.02 20.30
CA TYR A 199 2.66 -28.38 21.52
C TYR A 199 3.49 -29.45 22.21
N LEU A 200 4.80 -29.36 22.07
CA LEU A 200 5.69 -30.36 22.63
C LEU A 200 6.02 -30.17 24.11
N HIS A 201 6.31 -31.29 24.77
CA HIS A 201 6.63 -31.33 26.20
C HIS A 201 7.63 -30.25 26.58
N ASN A 202 7.30 -29.50 27.63
CA ASN A 202 8.15 -28.42 28.14
C ASN A 202 8.29 -27.25 27.18
N HIS A 203 7.52 -27.26 26.09
CA HIS A 203 7.59 -26.17 25.12
C HIS A 203 6.20 -25.73 24.68
N ASN A 204 5.26 -25.81 25.61
CA ASN A 204 3.87 -25.46 25.36
C ASN A 204 3.66 -24.07 24.75
N ASN A 205 4.60 -23.17 25.04
CA ASN A 205 4.52 -21.80 24.54
C ASN A 205 5.06 -21.56 23.13
N LYS A 206 5.79 -22.53 22.58
CA LYS A 206 6.31 -22.38 21.23
C LYS A 206 5.92 -23.56 20.34
N PRO A 207 4.61 -23.69 20.05
CA PRO A 207 4.12 -24.78 19.22
C PRO A 207 4.70 -24.77 17.79
N PHE A 208 4.62 -25.91 17.13
CA PHE A 208 5.14 -26.09 15.78
C PHE A 208 4.04 -26.39 14.78
N ILE A 209 4.26 -26.01 13.53
CA ILE A 209 3.32 -26.34 12.47
C ILE A 209 3.93 -27.63 11.93
N ARG A 210 3.15 -28.68 11.86
CA ARG A 210 3.64 -29.96 11.39
C ARG A 210 2.82 -30.47 10.21
N GLY A 211 3.50 -30.93 9.17
CA GLY A 211 2.82 -31.44 7.98
C GLY A 211 2.03 -32.71 8.24
N GLY A 212 1.08 -33.00 7.36
CA GLY A 212 0.27 -34.19 7.52
C GLY A 212 1.02 -35.48 7.26
N ASP A 213 2.15 -35.38 6.57
CA ASP A 213 2.97 -36.55 6.25
C ASP A 213 4.15 -36.71 7.22
N PHE A 214 4.21 -35.86 8.22
CA PHE A 214 5.30 -35.90 9.19
C PHE A 214 5.53 -37.26 9.81
N SER A 215 4.46 -37.83 10.35
CA SER A 215 4.57 -39.13 11.02
C SER A 215 5.06 -40.21 10.07
N PHE A 216 4.49 -40.28 8.87
CA PHE A 216 4.92 -41.29 7.92
C PHE A 216 6.36 -41.11 7.49
N ARG A 217 6.77 -39.87 7.25
CA ARG A 217 8.14 -39.63 6.84
C ARG A 217 9.11 -39.89 7.99
N LYS A 218 8.61 -39.73 9.21
CA LYS A 218 9.43 -39.95 10.39
C LYS A 218 9.64 -41.45 10.62
N SER A 219 8.61 -42.25 10.34
CA SER A 219 8.72 -43.70 10.52
C SER A 219 9.58 -44.28 9.41
N ARG A 220 9.59 -43.60 8.26
CA ARG A 220 10.38 -44.06 7.13
C ARG A 220 11.87 -43.79 7.39
N GLY A 221 12.17 -43.35 8.61
CA GLY A 221 13.54 -43.05 8.96
C GLY A 221 14.06 -41.76 8.36
N GLU A 222 13.16 -40.96 7.80
CA GLU A 222 13.56 -39.69 7.20
C GLU A 222 13.58 -38.58 8.26
N GLN A 223 13.73 -37.35 7.81
CA GLN A 223 13.76 -36.22 8.72
C GLN A 223 12.80 -35.09 8.37
N PRO A 224 11.49 -35.32 8.57
CA PRO A 224 10.49 -34.29 8.26
C PRO A 224 10.75 -33.09 9.19
N GLN A 226 9.69 -29.13 10.99
CA GLN A 226 8.63 -28.32 11.59
C GLN A 226 9.10 -26.87 11.71
N LEU A 227 8.16 -25.95 11.85
CA LEU A 227 8.48 -24.54 12.00
C LEU A 227 7.67 -23.96 13.14
N GLN A 228 8.19 -22.90 13.75
CA GLN A 228 7.48 -22.28 14.86
C GLN A 228 6.76 -21.01 14.45
N TYR A 229 6.65 -20.79 13.14
CA TYR A 229 5.90 -19.67 12.59
C TYR A 229 5.04 -20.25 11.46
N SER A 230 3.86 -19.68 11.29
CA SER A 230 2.89 -20.18 10.30
C SER A 230 2.84 -19.58 8.90
N ARG A 231 3.70 -18.61 8.61
CA ARG A 231 3.75 -17.99 7.30
C ARG A 231 5.22 -17.80 6.96
N ALA A 232 5.58 -18.03 5.71
CA ALA A 232 6.98 -17.90 5.31
C ALA A 232 7.24 -18.15 3.84
N PHE A 233 8.45 -17.82 3.42
CA PHE A 233 8.88 -18.07 2.06
C PHE A 233 9.45 -19.49 2.11
N GLY A 234 9.26 -20.26 1.05
CA GLY A 234 9.80 -21.61 1.05
C GLY A 234 8.96 -22.62 1.78
N GLY A 235 9.59 -23.54 2.50
CA GLY A 235 8.83 -24.56 3.21
C GLY A 235 8.01 -25.36 2.21
N LYS A 236 8.63 -25.74 1.09
CA LYS A 236 7.94 -26.51 0.05
C LYS A 236 7.00 -27.59 0.58
N ASP A 237 7.51 -28.49 1.40
CA ASP A 237 6.70 -29.58 1.93
C ASP A 237 5.78 -29.25 3.11
N LEU A 238 5.48 -27.97 3.27
CA LEU A 238 4.56 -27.51 4.33
C LEU A 238 3.54 -26.56 3.71
N LYS A 239 3.85 -26.05 2.52
CA LYS A 239 2.98 -25.11 1.83
C LYS A 239 1.60 -25.69 1.52
N TYR A 241 0.18 -27.77 3.72
CA TYR A 241 -0.36 -28.10 5.02
C TYR A 241 -0.63 -26.89 5.93
N GLY A 242 -0.88 -25.73 5.34
CA GLY A 242 -1.15 -24.56 6.17
C GLY A 242 -0.11 -23.45 6.19
N LEU A 243 1.12 -23.73 5.77
CA LEU A 243 2.14 -22.68 5.75
C LEU A 243 1.75 -21.73 4.60
N SER A 244 1.44 -20.49 4.95
CA SER A 244 1.00 -19.49 3.96
C SER A 244 2.07 -18.49 3.52
N ASN A 245 1.89 -17.92 2.33
CA ASN A 245 2.80 -16.91 1.82
C ASN A 245 2.07 -15.57 1.74
N GLN A 246 0.88 -15.52 2.37
CA GLN A 246 0.07 -14.32 2.41
C GLN A 246 0.66 -13.39 3.47
N PRO A 247 1.19 -12.23 3.05
CA PRO A 247 1.77 -11.32 4.05
C PRO A 247 0.73 -10.41 4.66
N ASP A 248 1.01 -9.90 5.85
CA ASP A 248 0.10 -8.93 6.45
C ASP A 248 0.75 -7.65 5.93
N VAL A 249 -0.06 -6.72 5.43
CA VAL A 249 0.50 -5.48 4.90
C VAL A 249 -0.07 -4.28 5.62
N ARG A 250 0.79 -3.30 5.87
CA ARG A 250 0.41 -2.07 6.56
C ARG A 250 1.14 -0.87 5.96
N VAL A 251 0.37 0.13 5.53
CA VAL A 251 0.96 1.33 4.94
C VAL A 251 0.88 2.46 5.96
N VAL A 252 2.05 3.02 6.30
CA VAL A 252 2.12 4.11 7.25
C VAL A 252 2.67 5.38 6.59
N ARG A 253 2.12 6.53 6.96
CA ARG A 253 2.59 7.80 6.43
C ARG A 253 3.83 8.20 7.23
N VAL A 254 4.91 8.53 6.55
CA VAL A 254 6.10 8.96 7.26
C VAL A 254 5.87 10.43 7.61
N THR A 255 5.69 10.72 8.90
CA THR A 255 5.46 12.10 9.32
C THR A 255 6.77 12.73 9.82
N PRO A 256 6.75 14.05 10.03
CA PRO A 256 7.96 14.74 10.50
C PRO A 256 8.50 14.15 11.82
N GLN A 257 7.60 13.56 12.60
CA GLN A 257 7.99 12.96 13.89
C GLN A 257 8.61 11.58 13.77
N HIS A 258 8.41 10.92 12.63
CA HIS A 258 9.00 9.59 12.45
C HIS A 258 10.52 9.70 12.45
N ARG A 259 11.15 9.05 13.42
CA ARG A 259 12.59 9.11 13.57
C ARG A 259 13.40 7.91 13.09
N VAL A 260 12.93 6.71 13.40
CA VAL A 260 13.70 5.54 13.01
C VAL A 260 12.89 4.27 12.85
N ILE A 262 13.42 0.03 12.39
CA ILE A 262 14.39 -1.03 12.60
C ILE A 262 13.85 -2.37 12.11
N LEU A 263 14.51 -2.93 11.12
CA LEU A 263 14.11 -4.24 10.61
C LEU A 263 15.12 -5.21 11.21
N ALA A 264 14.64 -6.27 11.85
CA ALA A 264 15.54 -7.23 12.46
C ALA A 264 14.93 -8.62 12.65
N THR A 265 15.80 -9.62 12.79
CA THR A 265 15.36 -10.99 13.00
C THR A 265 15.09 -11.21 14.49
N ASP A 266 14.50 -12.35 14.82
CA ASP A 266 14.20 -12.66 16.22
C ASP A 266 15.48 -12.80 17.02
N GLY A 267 16.61 -12.88 16.31
CA GLY A 267 17.89 -12.98 16.97
C GLY A 267 18.08 -11.73 17.83
N LEU A 268 17.39 -10.66 17.45
CA LEU A 268 17.43 -9.41 18.19
C LEU A 268 16.22 -9.27 19.12
N TRP A 269 15.03 -9.53 18.59
CA TRP A 269 13.79 -9.37 19.34
C TRP A 269 13.54 -10.35 20.49
N ASP A 270 14.10 -11.56 20.40
CA ASP A 270 13.90 -12.49 21.50
C ASP A 270 14.55 -11.94 22.76
N VAL A 271 15.48 -11.00 22.58
CA VAL A 271 16.16 -10.38 23.70
C VAL A 271 15.72 -8.95 24.02
N SER A 273 13.26 -5.40 23.55
CA SER A 273 11.90 -4.91 23.28
C SER A 273 12.02 -3.79 22.24
N ALA A 274 10.90 -3.38 21.65
CA ALA A 274 10.92 -2.33 20.64
C ALA A 274 11.55 -1.05 21.19
N ALA A 275 11.09 -0.62 22.36
CA ALA A 275 11.62 0.58 22.99
C ALA A 275 13.12 0.48 23.26
N GLN A 276 13.58 -0.68 23.73
CA GLN A 276 15.01 -0.86 23.99
C GLN A 276 15.84 -0.74 22.71
N ALA A 277 15.34 -1.32 21.62
CA ALA A 277 16.06 -1.26 20.36
C ALA A 277 16.14 0.18 19.85
N VAL A 278 15.02 0.88 19.87
CA VAL A 278 15.00 2.26 19.40
C VAL A 278 15.95 3.13 20.21
N GLU A 279 15.90 2.99 21.53
CA GLU A 279 16.76 3.76 22.42
C GLU A 279 18.23 3.52 22.08
N ILE A 280 18.64 2.26 22.00
CA ILE A 280 20.02 1.90 21.67
C ILE A 280 20.42 2.49 20.32
N ALA A 281 19.54 2.35 19.33
CA ALA A 281 19.80 2.86 17.99
C ALA A 281 19.84 4.39 17.98
N GLN A 283 20.55 6.39 20.48
CA GLN A 283 21.74 6.84 21.18
C GLN A 283 22.98 6.67 20.33
N ALA A 284 23.11 5.51 19.68
CA ALA A 284 24.28 5.25 18.84
C ALA A 284 24.46 6.37 17.82
N ARG A 285 23.37 6.70 17.14
CA ARG A 285 23.41 7.75 16.13
C ARG A 285 23.87 9.06 16.77
N GLN A 286 23.21 9.41 17.86
CA GLN A 286 23.49 10.62 18.63
C GLN A 286 24.98 10.76 18.96
N GLU A 287 25.65 9.63 19.17
CA GLU A 287 27.06 9.63 19.52
C GLU A 287 27.96 9.26 18.34
N GLY A 288 27.39 9.25 17.15
CA GLY A 288 28.16 8.92 15.96
C GLY A 288 28.59 7.47 15.83
N ARG A 289 27.91 6.56 16.51
CA ARG A 289 28.25 5.13 16.41
C ARG A 289 27.34 4.40 15.43
N ASN A 290 27.77 3.24 14.97
CA ASN A 290 26.99 2.43 14.03
C ASN A 290 25.74 1.89 14.75
N PRO A 291 24.56 2.47 14.49
CA PRO A 291 23.31 2.04 15.13
C PRO A 291 23.01 0.56 15.02
N ALA A 292 23.17 0.01 13.82
CA ALA A 292 22.90 -1.41 13.58
C ALA A 292 23.91 -2.28 14.30
N GLN A 293 25.17 -1.84 14.33
CA GLN A 293 26.18 -2.62 15.01
C GLN A 293 25.94 -2.55 16.50
N ALA A 294 25.51 -1.39 16.97
CA ALA A 294 25.23 -1.21 18.39
C ALA A 294 24.15 -2.20 18.81
N LEU A 295 23.10 -2.32 18.01
CA LEU A 295 22.01 -3.24 18.32
C LEU A 295 22.49 -4.69 18.39
N VAL A 296 23.36 -5.09 17.47
CA VAL A 296 23.85 -6.46 17.47
C VAL A 296 24.84 -6.72 18.61
N GLU A 297 25.82 -5.85 18.79
CA GLU A 297 26.80 -6.06 19.86
C GLU A 297 26.18 -6.01 21.26
N THR A 299 23.14 -6.83 22.02
CA THR A 299 22.37 -8.06 22.16
C THR A 299 23.29 -9.24 22.50
N LEU A 300 24.43 -9.30 21.82
CA LEU A 300 25.40 -10.37 22.06
C LEU A 300 25.99 -10.29 23.46
N ALA A 301 26.25 -9.08 23.94
CA ALA A 301 26.79 -8.89 25.28
C ALA A 301 25.79 -9.40 26.31
N GLU A 302 24.52 -9.04 26.13
CA GLU A 302 23.47 -9.46 27.06
C GLU A 302 23.34 -10.98 27.08
N GLN A 303 23.43 -11.59 25.90
CA GLN A 303 23.32 -13.04 25.81
C GLN A 303 24.47 -13.71 26.57
N GLN A 304 25.69 -13.18 26.45
CA GLN A 304 26.82 -13.76 27.16
C GLN A 304 26.54 -13.66 28.66
N SER A 305 26.09 -12.47 29.07
CA SER A 305 25.76 -12.18 30.45
C SER A 305 24.76 -13.19 31.01
N ARG A 306 23.95 -13.76 30.13
CA ARG A 306 22.93 -14.72 30.52
C ARG A 306 23.39 -16.14 30.32
N ASN A 307 24.61 -16.34 29.82
CA ASN A 307 25.10 -17.68 29.58
C ASN A 307 24.32 -18.35 28.45
N GLN A 308 23.76 -17.54 27.56
CA GLN A 308 22.98 -18.05 26.45
C GLN A 308 23.72 -18.01 25.11
N SER A 309 23.65 -19.12 24.38
CA SER A 309 24.25 -19.19 23.06
C SER A 309 23.35 -18.31 22.21
N ALA A 310 23.94 -17.32 21.53
CA ALA A 310 23.18 -16.38 20.71
C ALA A 310 22.77 -16.91 19.33
N ASP A 311 21.60 -16.49 18.88
CA ASP A 311 21.08 -16.89 17.58
C ASP A 311 21.72 -15.99 16.52
N ASN A 312 21.49 -16.25 15.23
CA ASN A 312 22.03 -15.34 14.22
C ASN A 312 21.31 -14.04 14.56
N ILE A 313 21.99 -12.90 14.39
CA ILE A 313 21.39 -11.61 14.69
C ILE A 313 21.67 -10.66 13.55
N THR A 314 20.61 -10.03 13.05
CA THR A 314 20.71 -9.07 11.97
C THR A 314 19.84 -7.87 12.27
N ALA A 315 20.41 -6.69 12.09
CA ALA A 315 19.68 -5.45 12.33
C ALA A 315 19.95 -4.46 11.20
N THR A 317 19.01 -0.50 10.41
CA THR A 317 18.46 0.72 10.96
C THR A 317 18.26 1.79 9.89
N VAL A 318 17.09 2.42 9.89
CA VAL A 318 16.77 3.45 8.93
C VAL A 318 16.29 4.71 9.64
N PHE A 319 17.02 5.81 9.48
CA PHE A 319 16.65 7.06 10.13
C PHE A 319 16.11 8.02 9.07
N PHE A 320 14.84 8.38 9.22
CA PHE A 320 14.19 9.28 8.28
C PHE A 320 14.75 10.69 8.39
N LYS A 321 14.57 11.47 7.32
CA LYS A 321 15.04 12.84 7.29
C LYS A 321 13.99 13.74 6.65
N VAL B 6 -4.10 10.28 -56.04
CA VAL B 6 -4.10 9.98 -54.59
C VAL B 6 -5.48 10.18 -53.98
N PRO B 7 -5.97 9.18 -53.22
CA PRO B 7 -7.29 9.21 -52.57
C PRO B 7 -7.46 10.46 -51.70
N PRO B 8 -8.70 10.96 -51.60
CA PRO B 8 -9.00 12.15 -50.80
C PRO B 8 -8.68 11.93 -49.32
N THR B 9 -8.10 12.92 -48.67
CA THR B 9 -7.77 12.80 -47.25
C THR B 9 -8.31 13.98 -46.46
N ILE B 10 -8.70 13.72 -45.22
CA ILE B 10 -9.25 14.74 -44.35
C ILE B 10 -8.25 15.13 -43.24
N HIS B 11 -7.95 16.42 -43.16
CA HIS B 11 -7.01 16.94 -42.16
C HIS B 11 -7.64 18.02 -41.28
N VAL B 12 -8.95 18.16 -41.35
CA VAL B 12 -9.65 19.16 -40.56
C VAL B 12 -10.68 18.46 -39.68
N PRO B 13 -11.18 19.15 -38.64
CA PRO B 13 -12.18 18.53 -37.75
C PRO B 13 -13.29 17.89 -38.57
N LEU B 14 -13.78 16.75 -38.11
CA LEU B 14 -14.83 16.05 -38.83
C LEU B 14 -15.98 15.56 -37.95
N PRO B 15 -17.16 16.17 -38.09
CA PRO B 15 -18.31 15.76 -37.27
C PRO B 15 -18.61 14.31 -37.63
N PRO B 16 -19.26 13.58 -36.72
CA PRO B 16 -19.59 12.17 -36.98
C PRO B 16 -20.13 11.97 -38.40
N THR B 17 -19.35 11.31 -39.25
CA THR B 17 -19.76 11.03 -40.63
C THR B 17 -19.93 9.53 -40.84
N SER B 18 -20.95 9.17 -41.61
CA SER B 18 -21.28 7.77 -41.86
C SER B 18 -20.74 7.20 -43.18
N TYR B 19 -19.82 6.26 -43.06
CA TYR B 19 -19.23 5.60 -44.22
C TYR B 19 -19.76 4.16 -44.24
N PRO B 20 -19.70 3.50 -45.41
CA PRO B 20 -20.19 2.13 -45.51
C PRO B 20 -19.76 1.17 -44.39
N ALA B 21 -18.49 1.19 -44.02
CA ALA B 21 -18.01 0.26 -43.00
C ALA B 21 -17.84 0.83 -41.59
N PHE B 22 -18.04 2.13 -41.42
CA PHE B 22 -17.84 2.71 -40.09
C PHE B 22 -18.29 4.17 -40.04
N ASP B 23 -18.40 4.70 -38.83
CA ASP B 23 -18.75 6.09 -38.61
C ASP B 23 -17.52 6.72 -37.95
N ALA B 24 -17.02 7.80 -38.53
CA ALA B 24 -15.84 8.46 -38.01
C ALA B 24 -16.08 9.90 -37.58
N ALA B 25 -15.31 10.33 -36.58
CA ALA B 25 -15.39 11.70 -36.07
C ALA B 25 -14.00 12.10 -35.59
N ILE B 26 -13.60 13.33 -35.90
CA ILE B 26 -12.29 13.83 -35.50
C ILE B 26 -12.47 15.20 -34.85
N PHE B 27 -11.82 15.40 -33.71
CA PHE B 27 -11.93 16.67 -33.01
C PHE B 27 -10.58 17.02 -32.35
N THR B 28 -10.21 18.29 -32.40
CA THR B 28 -8.95 18.71 -31.81
C THR B 28 -9.08 20.03 -31.06
N ASP B 29 -8.16 20.27 -30.12
CA ASP B 29 -8.17 21.51 -29.35
C ASP B 29 -6.78 21.87 -28.88
N ILE B 30 -6.40 23.12 -29.09
CA ILE B 30 -5.09 23.61 -28.69
C ILE B 30 -4.87 23.50 -27.18
N GLY B 31 -5.97 23.47 -26.43
CA GLY B 31 -5.87 23.39 -24.98
C GLY B 31 -5.27 24.64 -24.36
N GLY B 32 -4.27 24.44 -23.51
CA GLY B 32 -3.62 25.57 -22.86
C GLY B 32 -2.30 25.96 -23.50
N ARG B 33 -1.91 25.29 -24.57
CA ARG B 33 -0.66 25.57 -25.26
C ARG B 33 -0.77 26.80 -26.17
N LYS B 34 0.37 27.40 -26.51
CA LYS B 34 0.35 28.57 -27.38
C LYS B 34 0.38 28.15 -28.84
N HIS B 35 0.63 26.86 -29.07
CA HIS B 35 0.67 26.31 -30.42
C HIS B 35 -0.03 24.97 -30.52
N GLN B 36 -0.62 24.71 -31.69
CA GLN B 36 -1.29 23.45 -31.93
C GLN B 36 -0.32 22.65 -32.78
N GLU B 37 0.22 21.58 -32.20
CA GLU B 37 1.19 20.74 -32.91
C GLU B 37 0.64 19.34 -33.22
N ASP B 38 -0.60 19.09 -32.81
CA ASP B 38 -1.23 17.81 -33.09
C ASP B 38 -1.69 17.91 -34.54
N ARG B 39 -1.66 16.79 -35.26
CA ARG B 39 -2.10 16.74 -36.65
C ARG B 39 -2.76 15.39 -36.86
N PHE B 40 -3.50 15.24 -37.95
CA PHE B 40 -4.18 13.98 -38.21
C PHE B 40 -4.53 13.79 -39.68
N THR B 41 -4.84 12.55 -40.04
CA THR B 41 -5.16 12.20 -41.41
C THR B 41 -6.20 11.10 -41.50
N LEU B 42 -7.21 11.33 -42.30
CA LEU B 42 -8.24 10.31 -42.47
C LEU B 42 -8.51 10.11 -43.96
N CYS B 43 -8.39 8.87 -44.40
CA CYS B 43 -8.65 8.52 -45.79
C CYS B 43 -9.79 7.51 -45.75
N PRO B 44 -11.04 8.01 -45.73
CA PRO B 44 -12.23 7.16 -45.68
C PRO B 44 -12.35 6.10 -46.75
N GLN B 45 -11.94 6.44 -47.97
CA GLN B 45 -12.00 5.49 -49.07
C GLN B 45 -10.61 5.40 -49.69
N LEU B 46 -9.80 4.50 -49.12
CA LEU B 46 -8.42 4.30 -49.54
C LEU B 46 -8.27 3.66 -50.91
N VAL B 47 -9.10 2.67 -51.21
CA VAL B 47 -9.04 1.99 -52.51
C VAL B 47 -10.25 2.33 -53.37
N PRO B 48 -10.04 3.10 -54.45
CA PRO B 48 -11.11 3.49 -55.36
C PRO B 48 -11.99 2.30 -55.75
N GLY B 49 -13.30 2.49 -55.72
CA GLY B 49 -14.21 1.41 -56.09
C GLY B 49 -14.60 0.46 -54.99
N ARG B 50 -13.96 0.57 -53.83
CA ARG B 50 -14.27 -0.32 -52.70
C ARG B 50 -14.79 0.49 -51.52
N ASP B 51 -15.58 -0.16 -50.67
CA ASP B 51 -16.14 0.49 -49.49
C ASP B 51 -15.65 -0.19 -48.22
N ASP B 52 -14.53 -0.91 -48.31
CA ASP B 52 -14.01 -1.60 -47.13
C ASP B 52 -12.54 -1.25 -46.80
N CYS B 53 -12.00 -0.23 -47.45
CA CYS B 53 -10.61 0.17 -47.20
C CYS B 53 -10.46 1.63 -46.79
N ALA B 54 -9.79 1.86 -45.66
CA ALA B 54 -9.58 3.21 -45.15
C ALA B 54 -8.33 3.34 -44.30
N PHE B 55 -7.87 4.57 -44.13
CA PHE B 55 -6.69 4.90 -43.34
C PHE B 55 -7.01 5.91 -42.23
N PHE B 56 -6.47 5.66 -41.05
CA PHE B 56 -6.68 6.51 -39.88
C PHE B 56 -5.33 6.84 -39.27
N GLY B 57 -5.12 8.12 -38.92
CA GLY B 57 -3.84 8.52 -38.34
C GLY B 57 -3.86 9.81 -37.57
N VAL B 58 -3.19 9.83 -36.43
CA VAL B 58 -3.11 11.00 -35.56
C VAL B 58 -1.63 11.18 -35.21
N PHE B 59 -1.17 12.42 -35.13
CA PHE B 59 0.24 12.69 -34.85
C PHE B 59 0.46 13.79 -33.81
N ASP B 60 1.25 13.50 -32.78
CA ASP B 60 1.55 14.46 -31.71
C ASP B 60 2.94 15.04 -31.97
N GLY B 61 2.99 16.23 -32.53
CA GLY B 61 4.27 16.86 -32.81
C GLY B 61 4.88 17.54 -31.61
N THR B 62 6.19 17.75 -31.67
CA THR B 62 6.91 18.42 -30.60
C THR B 62 8.13 19.11 -31.20
N VAL B 63 8.56 20.20 -30.57
CA VAL B 63 9.67 21.04 -31.02
C VAL B 63 9.17 21.68 -32.31
N GLY B 64 8.01 22.32 -32.24
CA GLY B 64 7.42 22.94 -33.41
C GLY B 64 6.47 21.92 -34.03
N ASP B 65 5.85 22.27 -35.15
CA ASP B 65 4.92 21.35 -35.79
C ASP B 65 5.40 20.85 -37.14
N PHE B 66 6.63 21.19 -37.52
CA PHE B 66 7.16 20.77 -38.81
C PHE B 66 7.01 19.29 -39.10
N ALA B 67 7.29 18.45 -38.10
CA ALA B 67 7.19 17.00 -38.28
C ALA B 67 5.76 16.51 -38.50
N SER B 68 4.84 16.91 -37.62
CA SER B 68 3.45 16.49 -37.74
C SER B 68 2.71 17.11 -38.93
N GLU B 69 2.97 18.39 -39.17
CA GLU B 69 2.32 19.09 -40.27
C GLU B 69 2.66 18.44 -41.61
N ASN B 70 3.91 17.99 -41.76
CA ASN B 70 4.35 17.37 -43.00
C ASN B 70 4.11 15.87 -43.15
N VAL B 71 4.36 15.10 -42.10
CA VAL B 71 4.18 13.66 -42.19
C VAL B 71 2.71 13.27 -42.40
N LYS B 72 1.77 14.15 -42.03
CA LYS B 72 0.36 13.85 -42.20
C LYS B 72 0.02 13.73 -43.69
N ASP B 73 0.78 14.45 -44.51
CA ASP B 73 0.56 14.43 -45.96
C ASP B 73 1.42 13.41 -46.68
N LEU B 74 2.21 12.65 -45.92
CA LEU B 74 3.08 11.66 -46.53
C LEU B 74 2.66 10.21 -46.32
N VAL B 75 2.00 9.94 -45.19
CA VAL B 75 1.59 8.57 -44.89
C VAL B 75 0.80 7.82 -45.96
N VAL B 76 -0.32 8.38 -46.41
CA VAL B 76 -1.14 7.73 -47.42
C VAL B 76 -0.40 7.53 -48.76
N PRO B 77 0.15 8.62 -49.32
CA PRO B 77 0.87 8.47 -50.59
C PRO B 77 1.98 7.43 -50.47
N GLN B 78 2.72 7.44 -49.36
CA GLN B 78 3.79 6.46 -49.19
C GLN B 78 3.23 5.05 -49.06
N LEU B 79 2.10 4.92 -48.39
CA LEU B 79 1.48 3.61 -48.20
C LEU B 79 1.00 2.93 -49.49
N ILE B 80 0.40 3.69 -50.39
CA ILE B 80 -0.12 3.11 -51.64
C ILE B 80 0.91 3.02 -52.77
N SER B 81 2.12 3.52 -52.52
CA SER B 81 3.19 3.48 -53.51
C SER B 81 3.93 2.18 -53.30
N SER B 82 3.96 1.74 -52.04
CA SER B 82 4.62 0.52 -51.64
C SER B 82 4.25 -0.67 -52.49
N PRO B 83 5.25 -1.52 -52.82
CA PRO B 83 5.00 -2.71 -53.62
C PRO B 83 4.18 -3.65 -52.75
N ALA B 84 4.28 -3.45 -51.44
CA ALA B 84 3.55 -4.25 -50.47
C ALA B 84 2.05 -3.99 -50.57
N TRP B 85 1.70 -2.74 -50.84
CA TRP B 85 0.30 -2.37 -50.97
C TRP B 85 -0.28 -2.90 -52.27
N GLN B 86 0.53 -2.85 -53.33
CA GLN B 86 0.09 -3.33 -54.63
C GLN B 86 -0.36 -4.77 -54.51
N GLU B 87 0.35 -5.54 -53.69
CA GLU B 87 -0.01 -6.94 -53.48
C GLU B 87 -1.40 -7.08 -52.86
N VAL B 88 -1.80 -6.07 -52.09
CA VAL B 88 -3.13 -6.09 -51.47
C VAL B 88 -4.15 -5.71 -52.54
N THR B 89 -3.83 -4.67 -53.32
CA THR B 89 -4.70 -4.22 -54.39
C THR B 89 -4.99 -5.33 -55.40
N GLU B 90 -3.92 -5.93 -55.92
CA GLU B 90 -4.04 -7.00 -56.90
C GLU B 90 -4.92 -8.12 -56.33
N LEU B 92 -7.12 -8.22 -53.44
CA LEU B 92 -8.51 -7.84 -53.21
C LEU B 92 -9.31 -7.72 -54.50
N ARG B 93 -8.68 -7.20 -55.53
CA ARG B 93 -9.31 -7.00 -56.83
C ARG B 93 -9.38 -8.26 -57.70
N SER B 94 -8.54 -9.24 -57.42
CA SER B 94 -8.50 -10.46 -58.22
C SER B 94 -9.60 -11.50 -57.97
N ASP B 95 -9.45 -12.64 -58.63
CA ASP B 95 -10.38 -13.76 -58.54
C ASP B 95 -10.19 -14.51 -57.21
N VAL B 96 -9.06 -14.26 -56.54
CA VAL B 96 -8.73 -14.90 -55.27
C VAL B 96 -9.91 -15.26 -54.37
N PRO B 97 -9.83 -16.44 -53.70
CA PRO B 97 -10.85 -16.97 -52.79
C PRO B 97 -10.75 -16.43 -51.37
N ALA B 98 -11.90 -16.33 -50.71
CA ALA B 98 -12.00 -15.83 -49.33
C ALA B 98 -11.00 -16.47 -48.36
N THR B 99 -10.73 -17.75 -48.53
CA THR B 99 -9.80 -18.45 -47.64
C THR B 99 -8.35 -17.98 -47.79
N GLU B 100 -7.86 -17.92 -49.03
CA GLU B 100 -6.50 -17.49 -49.26
C GLU B 100 -6.32 -16.04 -48.81
N VAL B 101 -7.33 -15.21 -49.08
CA VAL B 101 -7.27 -13.80 -48.70
C VAL B 101 -7.05 -13.62 -47.20
N ASP B 102 -7.86 -14.27 -46.39
CA ASP B 102 -7.74 -14.16 -44.94
C ASP B 102 -6.49 -14.80 -44.37
N GLU B 103 -5.78 -15.58 -45.18
CA GLU B 103 -4.59 -16.24 -44.69
C GLU B 103 -3.32 -15.42 -44.92
N LYS B 104 -3.26 -14.75 -46.05
CA LYS B 104 -2.10 -13.94 -46.43
C LYS B 104 -2.18 -12.46 -46.07
N LEU B 105 -3.36 -11.87 -46.23
CA LEU B 105 -3.57 -10.45 -45.98
C LEU B 105 -2.89 -9.81 -44.76
N PRO B 106 -3.02 -10.43 -43.57
CA PRO B 106 -2.38 -9.87 -42.37
C PRO B 106 -0.91 -9.50 -42.58
N GLN B 107 -0.12 -10.43 -43.11
CA GLN B 107 1.29 -10.19 -43.34
C GLN B 107 1.49 -9.09 -44.39
N LEU B 108 0.74 -9.15 -45.48
CA LEU B 108 0.85 -8.14 -46.53
C LEU B 108 0.60 -6.74 -45.98
N LEU B 109 -0.41 -6.62 -45.11
CA LEU B 109 -0.74 -5.33 -44.51
C LEU B 109 0.40 -4.88 -43.58
N ASP B 110 0.82 -5.78 -42.70
CA ASP B 110 1.90 -5.49 -41.77
C ASP B 110 3.07 -4.88 -42.54
N GLN B 111 3.53 -5.61 -43.55
CA GLN B 111 4.65 -5.16 -44.39
C GLN B 111 4.33 -3.81 -45.01
N ALA B 112 3.11 -3.66 -45.49
CA ALA B 112 2.69 -2.41 -46.10
C ALA B 112 2.89 -1.28 -45.09
N VAL B 113 2.45 -1.50 -43.86
CA VAL B 113 2.58 -0.50 -42.82
C VAL B 113 4.03 -0.19 -42.49
N ASP B 114 4.85 -1.24 -42.39
CA ASP B 114 6.26 -1.07 -42.09
C ASP B 114 6.93 -0.20 -43.16
N ASP B 115 6.63 -0.49 -44.42
CA ASP B 115 7.20 0.27 -45.53
C ASP B 115 6.75 1.73 -45.48
N TYR B 117 5.90 3.54 -42.83
CA TYR B 117 6.60 4.23 -41.75
C TYR B 117 8.00 4.65 -42.13
N LYS B 118 8.79 3.70 -42.63
CA LYS B 118 10.16 3.99 -42.99
C LYS B 118 10.30 4.92 -44.21
N ASN B 119 9.58 4.63 -45.30
CA ASN B 119 9.66 5.49 -46.47
C ASN B 119 9.15 6.90 -46.15
N ALA B 120 8.11 6.99 -45.32
CA ALA B 120 7.60 8.29 -44.94
C ALA B 120 8.63 8.98 -44.06
N ASP B 121 9.24 8.24 -43.15
CA ASP B 121 10.23 8.84 -42.27
C ASP B 121 11.47 9.31 -43.03
N ASN B 122 11.91 8.49 -44.00
CA ASN B 122 13.09 8.84 -44.78
C ASN B 122 12.83 10.12 -45.58
N GLU B 123 11.66 10.22 -46.17
CA GLU B 123 11.30 11.40 -46.95
C GLU B 123 11.25 12.62 -46.03
N LEU B 124 10.65 12.46 -44.86
CA LEU B 124 10.52 13.55 -43.89
C LEU B 124 11.88 14.02 -43.36
N VAL B 125 12.79 13.10 -43.10
CA VAL B 125 14.10 13.47 -42.58
C VAL B 125 14.89 14.29 -43.60
N LYS B 126 14.71 13.97 -44.89
CA LYS B 126 15.40 14.70 -45.94
C LYS B 126 14.88 16.12 -45.95
N CYS B 128 13.74 17.62 -43.27
CA CYS B 128 14.33 18.19 -42.07
C CYS B 128 15.77 18.62 -42.33
N GLU B 129 16.48 17.82 -43.10
CA GLU B 129 17.86 18.14 -43.43
C GLU B 129 17.93 19.38 -44.30
N GLN B 130 17.03 19.47 -45.27
CA GLN B 130 17.00 20.62 -46.18
C GLN B 130 16.61 21.94 -45.52
N LEU B 131 15.65 21.89 -44.61
CA LEU B 131 15.21 23.11 -43.93
C LEU B 131 15.89 23.24 -42.56
N ASN B 132 16.88 22.40 -42.31
CA ASN B 132 17.59 22.43 -41.05
C ASN B 132 16.67 22.41 -39.83
N LYS B 133 15.82 21.40 -39.78
CA LYS B 133 14.91 21.19 -38.66
C LYS B 133 15.59 20.07 -37.88
N ASP B 134 16.47 20.43 -36.95
CA ASP B 134 17.22 19.42 -36.18
C ASP B 134 16.44 18.51 -35.26
N TYR B 135 15.45 19.04 -34.55
CA TYR B 135 14.72 18.22 -33.59
C TYR B 135 13.22 18.06 -33.79
N ALA B 136 12.65 18.72 -34.80
CA ALA B 136 11.22 18.61 -35.05
C ALA B 136 10.84 17.12 -35.13
N SER B 137 9.93 16.69 -34.27
CA SER B 137 9.51 15.29 -34.23
C SER B 137 8.01 15.16 -34.09
N SER B 138 7.54 13.91 -34.16
CA SER B 138 6.12 13.64 -34.03
C SER B 138 5.87 12.18 -33.73
N THR B 139 4.96 11.92 -32.80
CA THR B 139 4.59 10.55 -32.47
C THR B 139 3.67 10.14 -33.60
N SER B 140 3.12 8.94 -33.51
CA SER B 140 2.21 8.44 -34.53
C SER B 140 1.45 7.19 -34.15
N VAL B 141 0.18 7.16 -34.53
CA VAL B 141 -0.70 6.01 -34.34
C VAL B 141 -1.50 5.97 -35.62
N THR B 142 -1.50 4.81 -36.27
CA THR B 142 -2.21 4.66 -37.52
C THR B 142 -2.92 3.33 -37.59
N ALA B 143 -4.01 3.31 -38.35
CA ALA B 143 -4.77 2.09 -38.53
C ALA B 143 -5.20 2.02 -39.97
N VAL B 144 -4.90 0.90 -40.61
CA VAL B 144 -5.28 0.70 -42.00
C VAL B 144 -6.36 -0.37 -41.98
N LEU B 145 -7.55 0.00 -42.45
CA LEU B 145 -8.67 -0.93 -42.50
C LEU B 145 -8.74 -1.54 -43.89
N ALA B 146 -8.76 -2.86 -43.96
CA ALA B 146 -8.84 -3.53 -45.26
C ALA B 146 -9.53 -4.89 -45.14
N LYS B 147 -10.66 -5.01 -45.82
CA LYS B 147 -11.45 -6.23 -45.85
C LYS B 147 -11.48 -6.99 -44.53
N GLY B 148 -12.02 -6.36 -43.49
CA GLY B 148 -12.14 -7.03 -42.20
C GLY B 148 -10.94 -7.03 -41.28
N PHE B 149 -9.81 -6.49 -41.74
CA PHE B 149 -8.60 -6.46 -40.89
C PHE B 149 -8.16 -5.03 -40.61
N VAL B 150 -7.62 -4.81 -39.42
CA VAL B 150 -7.11 -3.48 -39.08
C VAL B 150 -5.62 -3.59 -38.80
N ALA B 151 -4.81 -2.95 -39.62
CA ALA B 151 -3.35 -2.97 -39.45
C ALA B 151 -2.93 -1.80 -38.57
N VAL B 152 -2.70 -2.10 -37.30
CA VAL B 152 -2.29 -1.08 -36.34
C VAL B 152 -0.77 -0.88 -36.28
N GLY B 153 -0.34 0.37 -36.33
CA GLY B 153 1.07 0.70 -36.26
C GLY B 153 1.26 1.98 -35.48
N HIS B 154 2.43 2.19 -34.89
CA HIS B 154 2.67 3.42 -34.13
C HIS B 154 4.12 3.65 -33.72
N LEU B 155 4.43 4.91 -33.39
CA LEU B 155 5.75 5.33 -32.92
C LEU B 155 5.51 6.40 -31.88
N GLY B 156 5.95 6.16 -30.65
CA GLY B 156 5.77 7.18 -29.64
C GLY B 156 4.82 6.84 -28.51
N ASP B 157 4.22 7.87 -27.93
CA ASP B 157 3.29 7.70 -26.82
C ASP B 157 1.84 8.06 -27.09
N SER B 158 1.46 8.12 -28.37
CA SER B 158 0.07 8.37 -28.71
C SER B 158 -0.47 6.95 -28.67
N ARG B 159 -1.77 6.79 -28.47
CA ARG B 159 -2.33 5.45 -28.36
C ARG B 159 -3.62 5.21 -29.13
N ILE B 160 -3.94 3.94 -29.25
CA ILE B 160 -5.16 3.50 -29.90
C ILE B 160 -5.86 2.59 -28.91
N ALA B 161 -7.05 2.99 -28.49
CA ALA B 161 -7.85 2.18 -27.56
C ALA B 161 -8.89 1.43 -28.39
N GLY B 163 -12.60 -1.00 -28.10
CA GLY B 163 -13.71 -1.47 -27.28
C GLY B 163 -14.38 -2.64 -27.98
N VAL B 164 -14.35 -3.81 -27.35
CA VAL B 164 -14.97 -4.99 -27.92
C VAL B 164 -16.07 -5.46 -26.98
N GLU B 165 -16.96 -6.31 -27.48
CA GLU B 165 -18.05 -6.81 -26.67
C GLU B 165 -17.82 -8.26 -26.25
N THR B 166 -17.97 -8.52 -24.96
CA THR B 166 -17.81 -9.86 -24.43
C THR B 166 -19.03 -10.18 -23.57
N PRO B 167 -19.40 -11.46 -23.47
CA PRO B 167 -20.57 -11.78 -22.64
C PRO B 167 -20.30 -11.27 -21.23
N ASN B 168 -19.11 -11.60 -20.74
CA ASN B 168 -18.68 -11.20 -19.41
C ASN B 168 -18.55 -9.68 -19.25
N GLY B 169 -18.86 -8.93 -20.31
CA GLY B 169 -18.78 -7.47 -20.21
C GLY B 169 -18.15 -6.73 -21.38
N LEU B 170 -17.93 -5.43 -21.20
CA LEU B 170 -17.33 -4.60 -22.25
C LEU B 170 -15.81 -4.50 -22.04
N ASN B 171 -15.05 -5.03 -22.99
CA ASN B 171 -13.59 -5.01 -22.90
C ASN B 171 -12.97 -3.77 -23.54
N CYS B 172 -12.15 -3.07 -22.76
CA CYS B 172 -11.48 -1.86 -23.22
C CYS B 172 -9.98 -1.97 -22.96
N GLU B 173 -9.18 -1.76 -23.99
CA GLU B 173 -7.73 -1.82 -23.83
C GLU B 173 -6.99 -1.14 -24.96
N PHE B 174 -5.73 -0.81 -24.71
CA PHE B 174 -4.91 -0.19 -25.74
C PHE B 174 -4.32 -1.29 -26.61
N LEU B 175 -4.18 -1.01 -27.90
CA LEU B 175 -3.60 -1.98 -28.82
C LEU B 175 -2.14 -1.60 -29.03
N THR B 176 -1.71 -0.49 -28.44
CA THR B 176 -0.34 -0.01 -28.58
C THR B 176 0.34 0.28 -27.25
N VAL B 177 1.62 -0.05 -27.16
CA VAL B 177 2.38 0.21 -25.93
C VAL B 177 3.36 1.35 -26.20
N ASP B 178 3.35 2.34 -25.33
CA ASP B 178 4.25 3.49 -25.49
C ASP B 178 5.71 3.05 -25.64
N HIS B 179 6.45 3.77 -26.46
CA HIS B 179 7.87 3.51 -26.64
C HIS B 179 8.60 4.43 -25.66
N LYS B 180 8.79 3.96 -24.43
CA LYS B 180 9.49 4.74 -23.41
C LYS B 180 10.98 4.41 -23.50
N PRO B 181 11.83 5.44 -23.50
CA PRO B 181 13.28 5.23 -23.59
C PRO B 181 13.92 4.40 -22.47
N ASP B 182 13.28 4.29 -21.32
CA ASP B 182 13.84 3.52 -20.24
C ASP B 182 13.48 2.05 -20.32
N PRO B 184 13.84 -1.60 -21.26
CA PRO B 184 15.06 -2.38 -21.57
C PRO B 184 15.53 -2.40 -23.02
N HIS B 185 14.69 -2.88 -23.92
CA HIS B 185 15.08 -2.95 -25.34
C HIS B 185 15.36 -1.58 -25.94
N GLU B 186 14.61 -0.57 -25.52
CA GLU B 186 14.78 0.78 -26.05
C GLU B 186 16.07 1.43 -25.57
N LYS B 187 16.33 1.30 -24.27
CA LYS B 187 17.53 1.89 -23.67
C LYS B 187 18.78 1.23 -24.25
N LEU B 188 18.70 -0.08 -24.49
CA LEU B 188 19.82 -0.81 -25.05
C LEU B 188 20.17 -0.27 -26.43
N ARG B 189 19.15 0.00 -27.24
CA ARG B 189 19.40 0.54 -28.57
C ARG B 189 19.99 1.94 -28.46
N ILE B 190 19.44 2.75 -27.56
CA ILE B 190 19.92 4.11 -27.36
C ILE B 190 21.40 4.10 -26.96
N ARG B 192 23.59 1.69 -27.30
CA ARG B 192 24.39 1.10 -28.37
C ARG B 192 24.60 2.08 -29.52
N ASN B 193 23.78 3.13 -29.58
CA ASN B 193 23.91 4.11 -30.65
C ASN B 193 24.53 5.43 -30.20
N GLY B 194 25.12 5.44 -29.00
CA GLY B 194 25.78 6.62 -28.50
C GLY B 194 24.96 7.61 -27.70
N GLY B 195 23.66 7.39 -27.61
CA GLY B 195 22.83 8.32 -26.86
C GLY B 195 22.68 7.90 -25.41
N SER B 196 21.79 8.55 -24.68
CA SER B 196 21.57 8.20 -23.29
C SER B 196 20.11 8.42 -22.89
N VAL B 197 19.76 7.90 -21.72
CA VAL B 197 18.43 8.04 -21.17
C VAL B 197 18.60 8.86 -19.89
N GLU B 198 17.91 9.99 -19.83
CA GLU B 198 17.98 10.87 -18.68
C GLU B 198 16.58 11.10 -18.12
N TYR B 199 16.51 11.31 -16.81
CA TYR B 199 15.24 11.57 -16.13
C TYR B 199 15.20 13.07 -15.85
N LEU B 200 14.23 13.77 -16.43
CA LEU B 200 14.13 15.20 -16.25
C LEU B 200 13.23 15.65 -15.10
N HIS B 201 13.84 16.24 -14.09
CA HIS B 201 13.13 16.72 -12.91
C HIS B 201 12.00 17.68 -13.31
N ASN B 202 12.26 18.44 -14.37
CA ASN B 202 11.31 19.43 -14.87
C ASN B 202 10.06 18.79 -15.48
N HIS B 203 10.11 17.49 -15.70
CA HIS B 203 8.97 16.77 -16.28
C HIS B 203 8.59 15.54 -15.47
N ASN B 204 8.36 15.74 -14.18
CA ASN B 204 7.95 14.65 -13.29
C ASN B 204 8.93 13.48 -13.27
N ASN B 205 10.21 13.77 -13.46
CA ASN B 205 11.23 12.73 -13.44
C ASN B 205 11.02 11.64 -14.49
N LYS B 206 10.35 12.00 -15.59
CA LYS B 206 10.11 11.04 -16.67
C LYS B 206 11.39 10.84 -17.47
N PRO B 207 11.56 9.66 -18.09
CA PRO B 207 12.75 9.35 -18.89
C PRO B 207 12.71 10.00 -20.28
N PHE B 208 13.86 10.49 -20.72
CA PHE B 208 13.99 11.12 -22.04
C PHE B 208 15.17 10.54 -22.77
N ILE B 209 15.11 10.58 -24.10
CA ILE B 209 16.22 10.12 -24.92
C ILE B 209 17.02 11.38 -25.18
N ARG B 210 18.33 11.28 -24.99
CA ARG B 210 19.22 12.41 -25.18
C ARG B 210 20.34 12.06 -26.15
N GLY B 211 20.59 12.95 -27.12
CA GLY B 211 21.63 12.70 -28.09
C GLY B 211 23.03 12.61 -27.49
N GLY B 212 23.91 11.87 -28.16
CA GLY B 212 25.27 11.74 -27.67
C GLY B 212 25.99 13.07 -27.65
N ASP B 213 25.61 13.97 -28.57
CA ASP B 213 26.24 15.29 -28.69
C ASP B 213 25.57 16.37 -27.86
N PHE B 214 24.68 15.96 -26.96
CA PHE B 214 23.96 16.91 -26.11
C PHE B 214 24.84 17.87 -25.29
N SER B 215 25.71 17.32 -24.45
CA SER B 215 26.57 18.17 -23.63
C SER B 215 27.41 19.11 -24.47
N PHE B 216 28.09 18.55 -25.47
CA PHE B 216 28.93 19.34 -26.36
C PHE B 216 28.13 20.49 -26.94
N ARG B 217 26.96 20.19 -27.49
CA ARG B 217 26.14 21.22 -28.09
C ARG B 217 25.66 22.31 -27.15
N LYS B 218 25.24 21.96 -25.94
CA LYS B 218 24.80 23.06 -25.07
C LYS B 218 26.02 23.80 -24.50
N SER B 219 27.20 23.19 -24.56
CA SER B 219 28.41 23.85 -24.08
C SER B 219 28.83 24.88 -25.13
N ARG B 220 28.22 24.81 -26.31
CA ARG B 220 28.51 25.75 -27.39
C ARG B 220 27.40 26.79 -27.47
N GLY B 221 26.48 26.74 -26.51
CA GLY B 221 25.38 27.69 -26.51
C GLY B 221 24.19 27.31 -27.37
N GLU B 222 24.14 26.06 -27.83
CA GLU B 222 23.03 25.61 -28.65
C GLU B 222 21.92 25.07 -27.76
N GLN B 223 20.80 24.71 -28.37
CA GLN B 223 19.67 24.17 -27.63
C GLN B 223 19.33 22.77 -28.09
N PRO B 224 20.21 21.79 -27.81
CA PRO B 224 19.92 20.42 -28.23
C PRO B 224 18.66 19.92 -27.51
N GLN B 226 15.59 16.95 -26.33
CA GLN B 226 15.38 15.61 -25.80
C GLN B 226 13.89 15.27 -25.97
N LEU B 227 13.56 13.98 -26.10
CA LEU B 227 12.17 13.54 -26.27
C LEU B 227 11.73 12.54 -25.20
N GLN B 228 10.43 12.49 -24.91
CA GLN B 228 9.93 11.59 -23.88
C GLN B 228 9.47 10.23 -24.42
N TYR B 229 9.87 9.95 -25.66
CA TYR B 229 9.58 8.68 -26.30
C TYR B 229 10.78 8.34 -27.17
N SER B 230 11.02 7.05 -27.33
CA SER B 230 12.18 6.52 -28.05
C SER B 230 11.99 6.12 -29.53
N ARG B 231 10.83 6.40 -30.09
CA ARG B 231 10.56 6.10 -31.50
C ARG B 231 9.64 7.19 -32.01
N ALA B 232 9.92 7.66 -33.23
CA ALA B 232 9.11 8.74 -33.78
C ALA B 232 9.48 9.11 -35.21
N PHE B 233 8.65 9.97 -35.79
CA PHE B 233 8.89 10.47 -37.13
C PHE B 233 9.76 11.69 -36.91
N GLY B 234 10.71 11.93 -37.82
CA GLY B 234 11.58 13.08 -37.69
C GLY B 234 12.68 12.92 -36.63
N GLY B 235 12.93 14.01 -35.90
CA GLY B 235 13.97 14.00 -34.89
C GLY B 235 15.31 13.74 -35.55
N LYS B 236 15.60 14.52 -36.59
CA LYS B 236 16.83 14.39 -37.36
C LYS B 236 18.10 14.18 -36.54
N ASP B 237 18.33 15.05 -35.55
CA ASP B 237 19.55 14.96 -34.75
C ASP B 237 19.56 13.99 -33.58
N LEU B 238 18.62 13.06 -33.60
CA LEU B 238 18.53 12.04 -32.55
C LEU B 238 18.39 10.70 -33.26
N LYS B 239 18.20 10.76 -34.57
CA LYS B 239 18.03 9.59 -35.42
C LYS B 239 19.22 8.65 -35.38
N TYR B 241 21.08 8.41 -32.73
CA TYR B 241 21.32 8.08 -31.32
C TYR B 241 20.30 7.15 -30.68
N GLY B 242 19.59 6.39 -31.48
CA GLY B 242 18.61 5.49 -30.91
C GLY B 242 17.16 5.79 -31.26
N LEU B 243 16.85 7.03 -31.65
CA LEU B 243 15.48 7.35 -32.02
C LEU B 243 15.19 6.49 -33.24
N SER B 244 14.23 5.58 -33.12
CA SER B 244 13.87 4.65 -34.19
C SER B 244 12.60 4.94 -34.96
N ASN B 245 12.58 4.62 -36.25
CA ASN B 245 11.38 4.81 -37.04
C ASN B 245 10.72 3.47 -37.31
N GLN B 246 11.06 2.47 -36.50
CA GLN B 246 10.51 1.13 -36.62
C GLN B 246 9.21 1.08 -35.80
N PRO B 247 8.07 1.00 -36.48
CA PRO B 247 6.81 0.95 -35.73
C PRO B 247 6.49 -0.42 -35.17
N ASP B 248 5.66 -0.47 -34.14
CA ASP B 248 5.21 -1.75 -33.61
C ASP B 248 4.00 -1.96 -34.51
N VAL B 249 3.92 -3.12 -35.16
CA VAL B 249 2.80 -3.39 -36.05
C VAL B 249 2.00 -4.59 -35.57
N ARG B 250 0.70 -4.48 -35.70
CA ARG B 250 -0.19 -5.54 -35.26
C ARG B 250 -1.48 -5.53 -36.06
N VAL B 251 -1.84 -6.71 -36.58
CA VAL B 251 -3.06 -6.85 -37.37
C VAL B 251 -4.16 -7.47 -36.53
N VAL B 252 -5.31 -6.83 -36.52
CA VAL B 252 -6.45 -7.30 -35.75
C VAL B 252 -7.63 -7.60 -36.67
N ARG B 253 -8.34 -8.67 -36.38
CA ARG B 253 -9.50 -9.04 -37.19
C ARG B 253 -10.76 -8.42 -36.58
N VAL B 254 -11.44 -7.58 -37.35
CA VAL B 254 -12.64 -6.94 -36.86
C VAL B 254 -13.77 -7.95 -36.75
N THR B 255 -14.32 -8.08 -35.55
CA THR B 255 -15.41 -9.02 -35.30
C THR B 255 -16.69 -8.28 -34.96
N PRO B 256 -17.86 -8.91 -35.21
CA PRO B 256 -19.12 -8.25 -34.91
C PRO B 256 -19.12 -7.64 -33.50
N GLN B 257 -18.31 -8.19 -32.60
CA GLN B 257 -18.22 -7.69 -31.24
C GLN B 257 -17.39 -6.40 -31.11
N HIS B 258 -16.65 -6.04 -32.16
CA HIS B 258 -15.86 -4.81 -32.12
C HIS B 258 -16.78 -3.60 -32.26
N ARG B 259 -16.73 -2.71 -31.28
CA ARG B 259 -17.58 -1.54 -31.29
C ARG B 259 -16.91 -0.23 -31.69
N VAL B 260 -15.81 0.12 -31.04
CA VAL B 260 -15.17 1.37 -31.34
C VAL B 260 -13.64 1.37 -31.19
N ILE B 262 -10.43 4.04 -30.88
CA ILE B 262 -10.09 5.43 -30.60
C ILE B 262 -8.60 5.73 -30.76
N LEU B 263 -8.27 6.62 -31.69
CA LEU B 263 -6.88 7.04 -31.89
C LEU B 263 -6.78 8.45 -31.32
N ALA B 264 -5.78 8.68 -30.46
CA ALA B 264 -5.63 10.00 -29.86
C ALA B 264 -4.22 10.25 -29.29
N THR B 265 -3.86 11.52 -29.18
CA THR B 265 -2.56 11.91 -28.64
C THR B 265 -2.59 11.81 -27.12
N ASP B 266 -1.43 11.94 -26.48
CA ASP B 266 -1.37 11.85 -25.02
C ASP B 266 -2.12 12.99 -24.34
N GLY B 267 -2.62 13.92 -25.14
CA GLY B 267 -3.38 15.02 -24.57
C GLY B 267 -4.61 14.44 -23.89
N LEU B 268 -5.13 13.36 -24.47
CA LEU B 268 -6.29 12.66 -23.94
C LEU B 268 -5.86 11.58 -22.94
N TRP B 269 -4.95 10.73 -23.39
CA TRP B 269 -4.47 9.61 -22.60
C TRP B 269 -3.79 9.94 -21.28
N ASP B 270 -3.18 11.12 -21.17
CA ASP B 270 -2.54 11.49 -19.91
C ASP B 270 -3.61 11.79 -18.85
N VAL B 271 -4.88 11.79 -19.26
CA VAL B 271 -5.96 12.08 -18.34
C VAL B 271 -7.02 10.97 -18.29
N SER B 273 -8.38 7.02 -19.17
CA SER B 273 -7.92 5.64 -19.31
C SER B 273 -8.65 5.10 -20.54
N ALA B 274 -8.28 3.92 -21.01
CA ALA B 274 -8.92 3.34 -22.18
C ALA B 274 -10.40 3.09 -21.90
N ALA B 275 -10.71 2.72 -20.66
CA ALA B 275 -12.08 2.44 -20.26
C ALA B 275 -12.91 3.72 -20.29
N GLN B 276 -12.44 4.74 -19.59
CA GLN B 276 -13.13 6.01 -19.54
C GLN B 276 -13.36 6.54 -20.95
N ALA B 277 -12.34 6.45 -21.79
CA ALA B 277 -12.44 6.93 -23.17
C ALA B 277 -13.55 6.20 -23.94
N VAL B 278 -13.49 4.87 -23.92
CA VAL B 278 -14.49 4.06 -24.60
C VAL B 278 -15.89 4.34 -24.06
N GLU B 279 -16.02 4.52 -22.75
CA GLU B 279 -17.33 4.80 -22.17
C GLU B 279 -17.84 6.15 -22.68
N ILE B 280 -17.04 7.20 -22.55
CA ILE B 280 -17.43 8.52 -23.02
C ILE B 280 -17.86 8.49 -24.48
N ALA B 281 -17.14 7.71 -25.29
CA ALA B 281 -17.44 7.60 -26.72
C ALA B 281 -18.76 6.88 -26.99
N GLN B 283 -21.28 6.47 -24.98
CA GLN B 283 -22.33 7.30 -24.43
C GLN B 283 -22.72 8.41 -25.40
N ALA B 284 -21.73 9.14 -25.90
CA ALA B 284 -21.97 10.22 -26.85
C ALA B 284 -22.73 9.71 -28.06
N ARG B 285 -22.20 8.68 -28.71
CA ARG B 285 -22.84 8.11 -29.89
C ARG B 285 -24.26 7.71 -29.57
N GLN B 286 -24.45 7.11 -28.41
CA GLN B 286 -25.77 6.68 -27.98
C GLN B 286 -26.72 7.86 -27.92
N GLU B 287 -26.23 8.95 -27.34
CA GLU B 287 -27.01 10.17 -27.17
C GLU B 287 -27.02 11.07 -28.40
N GLY B 288 -26.55 10.53 -29.53
CA GLY B 288 -26.54 11.31 -30.75
C GLY B 288 -25.58 12.49 -30.76
N ARG B 289 -24.57 12.46 -29.89
CA ARG B 289 -23.57 13.53 -29.83
C ARG B 289 -22.27 13.15 -30.55
N ASN B 290 -21.41 14.14 -30.75
CA ASN B 290 -20.11 13.96 -31.41
C ASN B 290 -19.19 13.23 -30.42
N PRO B 291 -18.88 11.95 -30.67
CA PRO B 291 -18.00 11.21 -29.75
C PRO B 291 -16.61 11.82 -29.61
N ALA B 292 -16.04 12.24 -30.73
CA ALA B 292 -14.70 12.84 -30.73
C ALA B 292 -14.66 14.08 -29.86
N GLN B 293 -15.57 15.01 -30.15
CA GLN B 293 -15.65 16.27 -29.43
C GLN B 293 -15.92 16.03 -27.96
N ALA B 294 -16.74 15.04 -27.67
CA ALA B 294 -17.09 14.69 -26.29
C ALA B 294 -15.81 14.32 -25.53
N LEU B 295 -14.99 13.47 -26.13
CA LEU B 295 -13.73 13.04 -25.51
C LEU B 295 -12.83 14.22 -25.18
N VAL B 296 -12.69 15.13 -26.14
CA VAL B 296 -11.84 16.30 -25.94
C VAL B 296 -12.40 17.18 -24.84
N GLU B 297 -13.62 17.67 -25.03
CA GLU B 297 -14.26 18.53 -24.06
C GLU B 297 -14.25 17.98 -22.65
N THR B 299 -12.11 16.01 -21.43
CA THR B 299 -10.72 16.05 -20.99
C THR B 299 -10.31 17.42 -20.48
N LEU B 300 -10.63 18.47 -21.22
CA LEU B 300 -10.24 19.81 -20.79
C LEU B 300 -11.13 20.35 -19.68
N ALA B 301 -12.33 19.77 -19.53
CA ALA B 301 -13.22 20.19 -18.46
C ALA B 301 -12.56 19.65 -17.19
N GLU B 302 -11.98 18.46 -17.34
CA GLU B 302 -11.29 17.79 -16.25
C GLU B 302 -10.02 18.57 -15.88
N GLN B 303 -9.25 18.96 -16.89
CA GLN B 303 -8.03 19.71 -16.64
C GLN B 303 -8.34 21.00 -15.88
N GLN B 304 -9.54 21.53 -16.07
CA GLN B 304 -9.93 22.76 -15.38
C GLN B 304 -10.08 22.47 -13.89
N SER B 305 -10.77 21.37 -13.56
CA SER B 305 -10.96 20.98 -12.17
C SER B 305 -9.61 20.83 -11.48
N ARG B 306 -8.69 20.13 -12.14
CA ARG B 306 -7.36 19.91 -11.57
C ARG B 306 -6.55 21.19 -11.52
N ASN B 307 -7.07 22.26 -12.11
CA ASN B 307 -6.40 23.55 -12.12
C ASN B 307 -5.03 23.46 -12.83
N GLN B 308 -4.96 22.74 -13.94
CA GLN B 308 -3.72 22.64 -14.70
C GLN B 308 -3.90 22.83 -16.20
N SER B 309 -2.92 23.47 -16.82
CA SER B 309 -2.95 23.75 -18.25
C SER B 309 -3.10 22.49 -19.09
N ALA B 310 -4.05 22.52 -20.02
CA ALA B 310 -4.31 21.38 -20.89
C ALA B 310 -3.33 21.33 -22.06
N ASP B 311 -2.93 20.12 -22.45
CA ASP B 311 -2.01 19.91 -23.57
C ASP B 311 -2.87 19.97 -24.85
N ASN B 312 -2.24 19.87 -26.01
CA ASN B 312 -3.02 19.84 -27.26
C ASN B 312 -3.75 18.50 -27.11
N ILE B 313 -5.00 18.43 -27.56
CA ILE B 313 -5.76 17.18 -27.47
C ILE B 313 -6.47 16.90 -28.79
N THR B 314 -6.27 15.69 -29.30
CA THR B 314 -6.88 15.26 -30.55
C THR B 314 -7.40 13.85 -30.38
N ALA B 315 -8.63 13.62 -30.78
CA ALA B 315 -9.24 12.31 -30.68
C ALA B 315 -9.98 11.98 -31.96
N THR B 317 -12.52 9.05 -33.33
CA THR B 317 -13.33 7.89 -32.97
C THR B 317 -13.82 7.15 -34.21
N VAL B 318 -13.70 5.83 -34.19
CA VAL B 318 -14.12 5.00 -35.31
C VAL B 318 -15.05 3.88 -34.86
N PHE B 319 -16.31 3.96 -35.28
CA PHE B 319 -17.32 2.97 -34.92
C PHE B 319 -17.57 2.03 -36.09
N PHE B 320 -17.35 0.74 -35.86
CA PHE B 320 -17.56 -0.27 -36.89
C PHE B 320 -19.05 -0.52 -37.06
N LYS B 321 -19.49 -0.75 -38.29
CA LYS B 321 -20.89 -1.03 -38.54
C LYS B 321 -21.05 -2.53 -38.64
N ASP C 5 -24.16 22.00 28.73
CA ASP C 5 -23.13 22.05 27.65
C ASP C 5 -22.60 20.67 27.26
N VAL C 6 -22.65 19.72 28.19
CA VAL C 6 -22.14 18.38 27.91
C VAL C 6 -23.13 17.55 27.12
N PRO C 7 -22.66 16.97 25.99
CA PRO C 7 -23.53 16.14 25.14
C PRO C 7 -23.98 14.93 25.95
N PRO C 8 -25.23 14.49 25.76
CA PRO C 8 -25.67 13.33 26.53
C PRO C 8 -24.82 12.09 26.24
N THR C 9 -24.68 11.23 27.24
CA THR C 9 -23.90 10.00 27.09
C THR C 9 -24.72 8.79 27.50
N ILE C 10 -24.25 7.60 27.11
CA ILE C 10 -24.92 6.34 27.43
C ILE C 10 -24.00 5.47 28.28
N HIS C 11 -24.52 4.95 29.41
CA HIS C 11 -23.73 4.13 30.32
C HIS C 11 -24.42 2.81 30.65
N VAL C 12 -25.49 2.50 29.92
CA VAL C 12 -26.21 1.24 30.13
C VAL C 12 -26.18 0.44 28.83
N PRO C 13 -26.49 -0.86 28.90
CA PRO C 13 -26.49 -1.70 27.69
C PRO C 13 -27.24 -1.05 26.53
N LEU C 14 -26.68 -1.16 25.33
CA LEU C 14 -27.28 -0.56 24.15
C LEU C 14 -27.47 -1.57 23.02
N PRO C 15 -28.74 -1.92 22.72
CA PRO C 15 -29.00 -2.87 21.64
C PRO C 15 -28.53 -2.24 20.32
N PRO C 16 -28.38 -3.07 19.28
CA PRO C 16 -27.93 -2.55 17.98
C PRO C 16 -28.67 -1.27 17.60
N THR C 17 -27.92 -0.17 17.55
CA THR C 17 -28.47 1.13 17.22
C THR C 17 -27.71 1.75 16.07
N SER C 18 -28.44 2.29 15.11
CA SER C 18 -27.83 2.91 13.95
C SER C 18 -27.80 4.43 14.04
N TYR C 19 -26.63 4.99 13.78
CA TYR C 19 -26.43 6.43 13.81
C TYR C 19 -25.97 6.83 12.41
N PRO C 20 -25.93 8.13 12.11
CA PRO C 20 -25.50 8.50 10.76
C PRO C 20 -24.12 8.06 10.29
N ALA C 21 -23.12 8.12 11.15
CA ALA C 21 -21.78 7.71 10.72
C ALA C 21 -21.33 6.33 11.20
N PHE C 22 -22.14 5.67 12.02
CA PHE C 22 -21.74 4.36 12.54
C PHE C 22 -22.89 3.69 13.26
N ASP C 23 -22.77 2.38 13.45
CA ASP C 23 -23.76 1.60 14.18
C ASP C 23 -23.01 1.08 15.40
N ALA C 24 -23.69 1.03 16.55
CA ALA C 24 -23.06 0.58 17.78
C ALA C 24 -23.95 -0.31 18.63
N ALA C 25 -23.32 -1.14 19.45
CA ALA C 25 -23.99 -2.05 20.39
C ALA C 25 -23.06 -2.21 21.58
N ILE C 26 -23.64 -2.30 22.77
CA ILE C 26 -22.85 -2.47 23.99
C ILE C 26 -23.53 -3.53 24.84
N PHE C 27 -22.73 -4.46 25.36
CA PHE C 27 -23.27 -5.52 26.20
C PHE C 27 -22.26 -5.80 27.30
N THR C 28 -22.76 -6.14 28.48
CA THR C 28 -21.90 -6.40 29.62
C THR C 28 -22.48 -7.55 30.44
N ASP C 29 -21.62 -8.26 31.14
CA ASP C 29 -22.05 -9.37 31.99
C ASP C 29 -21.11 -9.48 33.17
N ILE C 30 -21.65 -9.81 34.33
CA ILE C 30 -20.82 -9.90 35.53
C ILE C 30 -19.89 -11.12 35.54
N GLY C 31 -20.25 -12.17 34.80
CA GLY C 31 -19.43 -13.35 34.77
C GLY C 31 -19.54 -14.11 36.08
N GLY C 32 -18.42 -14.64 36.55
CA GLY C 32 -18.41 -15.39 37.80
C GLY C 32 -17.91 -14.55 38.95
N ARG C 33 -17.69 -13.27 38.67
CA ARG C 33 -17.20 -12.35 39.67
C ARG C 33 -18.28 -11.99 40.68
N LYS C 34 -17.84 -11.55 41.85
CA LYS C 34 -18.75 -11.15 42.91
C LYS C 34 -19.38 -9.80 42.57
N HIS C 35 -18.59 -8.90 42.02
CA HIS C 35 -19.07 -7.58 41.67
C HIS C 35 -18.86 -7.25 40.19
N GLN C 36 -19.66 -6.32 39.68
CA GLN C 36 -19.53 -5.87 38.30
C GLN C 36 -18.70 -4.60 38.41
N GLU C 37 -17.45 -4.69 38.00
CA GLU C 37 -16.57 -3.55 38.08
C GLU C 37 -16.22 -2.94 36.73
N ASP C 38 -16.80 -3.48 35.66
CA ASP C 38 -16.59 -2.94 34.31
C ASP C 38 -17.58 -1.78 34.14
N ARG C 39 -17.20 -0.78 33.35
CA ARG C 39 -18.08 0.35 33.08
C ARG C 39 -17.81 0.81 31.64
N PHE C 40 -18.68 1.66 31.10
CA PHE C 40 -18.50 2.15 29.74
C PHE C 40 -19.23 3.47 29.49
N THR C 41 -18.83 4.14 28.41
CA THR C 41 -19.41 5.42 28.05
C THR C 41 -19.48 5.58 26.54
N LEU C 42 -20.66 5.89 26.02
CA LEU C 42 -20.81 6.10 24.60
C LEU C 42 -21.55 7.41 24.42
N CYS C 43 -20.92 8.33 23.69
CA CYS C 43 -21.53 9.63 23.41
C CYS C 43 -21.77 9.63 21.90
N PRO C 44 -23.02 9.32 21.49
CA PRO C 44 -23.42 9.27 20.08
C PRO C 44 -23.22 10.55 19.27
N GLN C 45 -23.47 11.71 19.87
CA GLN C 45 -23.24 12.96 19.15
C GLN C 45 -22.38 13.86 20.04
N LEU C 46 -21.10 13.92 19.71
CA LEU C 46 -20.16 14.70 20.49
C LEU C 46 -20.20 16.20 20.22
N VAL C 47 -20.48 16.57 18.96
CA VAL C 47 -20.54 17.98 18.58
C VAL C 47 -21.89 18.40 17.99
N PRO C 48 -22.58 19.35 18.64
CA PRO C 48 -23.88 19.81 18.16
C PRO C 48 -23.76 20.36 16.75
N GLY C 49 -24.71 20.01 15.89
CA GLY C 49 -24.70 20.48 14.52
C GLY C 49 -23.98 19.57 13.54
N ARG C 50 -23.25 18.60 14.07
CA ARG C 50 -22.52 17.65 13.23
C ARG C 50 -23.01 16.23 13.50
N ASP C 51 -22.89 15.38 12.49
CA ASP C 51 -23.31 13.99 12.57
C ASP C 51 -22.12 13.05 12.40
N ASP C 52 -20.90 13.58 12.57
CA ASP C 52 -19.71 12.76 12.36
C ASP C 52 -18.72 12.71 13.52
N CYS C 53 -19.17 13.00 14.72
CA CYS C 53 -18.31 12.99 15.89
C CYS C 53 -18.92 12.20 17.04
N ALA C 54 -18.12 11.32 17.64
CA ALA C 54 -18.60 10.52 18.75
C ALA C 54 -17.49 10.06 19.68
N PHE C 55 -17.88 9.59 20.86
CA PHE C 55 -16.92 9.10 21.84
C PHE C 55 -17.27 7.68 22.29
N PHE C 56 -16.24 6.85 22.39
CA PHE C 56 -16.42 5.46 22.81
C PHE C 56 -15.42 5.20 23.91
N GLY C 57 -15.86 4.56 24.99
CA GLY C 57 -14.96 4.27 26.09
C GLY C 57 -15.39 3.08 26.92
N VAL C 58 -14.41 2.25 27.32
CA VAL C 58 -14.69 1.08 28.14
C VAL C 58 -13.66 1.06 29.28
N PHE C 59 -14.11 0.76 30.49
CA PHE C 59 -13.20 0.75 31.64
C PHE C 59 -13.30 -0.50 32.51
N ASP C 60 -12.15 -1.12 32.76
CA ASP C 60 -12.08 -2.32 33.59
C ASP C 60 -11.64 -1.88 35.00
N GLY C 61 -12.59 -1.85 35.93
CA GLY C 61 -12.25 -1.45 37.28
C GLY C 61 -11.64 -2.57 38.09
N THR C 62 -10.81 -2.20 39.06
CA THR C 62 -10.17 -3.18 39.91
C THR C 62 -9.97 -2.58 41.30
N VAL C 63 -10.14 -3.44 42.32
CA VAL C 63 -10.04 -3.04 43.72
C VAL C 63 -11.22 -2.13 44.01
N GLY C 64 -12.42 -2.63 43.72
CA GLY C 64 -13.62 -1.86 43.91
C GLY C 64 -14.02 -1.25 42.57
N ASP C 65 -15.21 -0.67 42.50
CA ASP C 65 -15.68 -0.08 41.25
C ASP C 65 -15.60 1.44 41.24
N PHE C 66 -15.10 2.03 42.32
CA PHE C 66 -15.03 3.49 42.41
C PHE C 66 -14.34 4.17 41.25
N ALA C 67 -13.21 3.63 40.79
CA ALA C 67 -12.48 4.25 39.69
C ALA C 67 -13.22 4.20 38.35
N SER C 68 -13.72 3.02 37.97
CA SER C 68 -14.43 2.90 36.70
C SER C 68 -15.79 3.57 36.73
N GLU C 69 -16.47 3.47 37.86
CA GLU C 69 -17.78 4.10 38.03
C GLU C 69 -17.73 5.63 37.91
N ASN C 70 -16.67 6.25 38.42
CA ASN C 70 -16.55 7.71 38.36
C ASN C 70 -15.87 8.27 37.12
N VAL C 71 -14.82 7.62 36.65
CA VAL C 71 -14.12 8.14 35.48
C VAL C 71 -14.99 8.09 34.21
N LYS C 72 -15.93 7.15 34.15
CA LYS C 72 -16.80 7.04 32.98
C LYS C 72 -17.56 8.36 32.77
N ASP C 73 -17.84 9.05 33.87
CA ASP C 73 -18.57 10.31 33.80
C ASP C 73 -17.66 11.53 33.68
N LEU C 74 -16.35 11.31 33.77
CA LEU C 74 -15.43 12.43 33.67
C LEU C 74 -14.79 12.61 32.32
N VAL C 75 -14.63 11.52 31.58
CA VAL C 75 -13.95 11.61 30.29
C VAL C 75 -14.56 12.56 29.26
N VAL C 76 -15.86 12.48 28.99
CA VAL C 76 -16.44 13.37 27.98
C VAL C 76 -16.41 14.84 28.40
N PRO C 77 -16.83 15.15 29.64
CA PRO C 77 -16.77 16.56 30.02
C PRO C 77 -15.34 17.09 29.93
N GLN C 78 -14.37 16.34 30.46
CA GLN C 78 -12.97 16.76 30.41
C GLN C 78 -12.49 16.93 28.96
N LEU C 79 -12.88 16.01 28.10
CA LEU C 79 -12.48 16.11 26.69
C LEU C 79 -12.93 17.42 26.06
N ILE C 80 -14.23 17.68 26.10
CA ILE C 80 -14.77 18.88 25.49
C ILE C 80 -14.41 20.20 26.19
N SER C 81 -13.74 20.11 27.35
CA SER C 81 -13.33 21.31 28.08
C SER C 81 -11.90 21.65 27.70
N SER C 82 -11.24 20.72 27.03
CA SER C 82 -9.86 20.88 26.58
C SER C 82 -9.69 21.97 25.51
N PRO C 83 -8.75 22.90 25.74
CA PRO C 83 -8.52 23.96 24.74
C PRO C 83 -8.19 23.31 23.42
N ALA C 84 -7.56 22.13 23.49
CA ALA C 84 -7.19 21.38 22.32
C ALA C 84 -8.46 20.95 21.57
N TRP C 85 -9.51 20.62 22.32
CA TRP C 85 -10.76 20.21 21.69
C TRP C 85 -11.45 21.42 21.07
N GLN C 86 -11.31 22.57 21.73
CA GLN C 86 -11.90 23.80 21.24
C GLN C 86 -11.27 24.10 19.89
N GLU C 87 -9.99 23.77 19.76
CA GLU C 87 -9.28 23.99 18.52
C GLU C 87 -9.76 23.01 17.46
N VAL C 88 -10.28 21.87 17.91
CA VAL C 88 -10.79 20.88 16.96
C VAL C 88 -12.13 21.36 16.42
N THR C 89 -12.99 21.80 17.33
CA THR C 89 -14.32 22.30 17.00
C THR C 89 -14.26 23.54 16.12
N GLU C 90 -13.38 24.47 16.49
CA GLU C 90 -13.23 25.71 15.75
C GLU C 90 -12.89 25.47 14.28
N LEU C 92 -13.35 22.65 12.49
CA LEU C 92 -14.41 21.93 11.79
C LEU C 92 -15.53 22.91 11.39
N ARG C 93 -15.47 24.12 11.92
CA ARG C 93 -16.48 25.13 11.62
C ARG C 93 -15.92 26.35 10.87
N SER C 94 -14.64 26.30 10.54
CA SER C 94 -14.00 27.43 9.85
C SER C 94 -13.86 27.16 8.35
N ASP C 95 -14.03 28.21 7.54
CA ASP C 95 -13.92 28.05 6.09
C ASP C 95 -12.45 27.79 5.77
N VAL C 96 -12.04 26.54 5.94
CA VAL C 96 -10.67 26.11 5.68
C VAL C 96 -10.70 24.91 4.74
N PRO C 97 -9.75 24.84 3.79
CA PRO C 97 -9.72 23.72 2.85
C PRO C 97 -9.80 22.38 3.59
N ALA C 98 -10.45 21.39 2.98
CA ALA C 98 -10.56 20.09 3.61
C ALA C 98 -9.19 19.45 3.76
N THR C 99 -8.26 19.87 2.90
CA THR C 99 -6.89 19.37 2.93
C THR C 99 -6.20 19.84 4.20
N GLU C 100 -6.51 21.06 4.60
CA GLU C 100 -5.92 21.63 5.80
C GLU C 100 -6.52 20.95 7.02
N VAL C 101 -7.85 20.82 7.03
CA VAL C 101 -8.53 20.17 8.15
C VAL C 101 -7.96 18.78 8.36
N ASP C 102 -7.88 18.01 7.28
CA ASP C 102 -7.37 16.64 7.32
C ASP C 102 -5.92 16.50 7.77
N GLU C 103 -5.06 17.42 7.33
CA GLU C 103 -3.66 17.34 7.70
C GLU C 103 -3.38 17.94 9.08
N LYS C 104 -4.32 18.73 9.59
CA LYS C 104 -4.15 19.36 10.90
C LYS C 104 -4.92 18.66 12.03
N LEU C 105 -5.98 17.96 11.66
CA LEU C 105 -6.82 17.27 12.63
C LEU C 105 -6.09 16.22 13.48
N PRO C 106 -5.27 15.36 12.85
CA PRO C 106 -4.56 14.34 13.63
C PRO C 106 -3.90 14.81 14.93
N GLN C 107 -3.02 15.81 14.85
CA GLN C 107 -2.35 16.26 16.05
C GLN C 107 -3.29 16.92 17.07
N LEU C 108 -4.29 17.63 16.59
CA LEU C 108 -5.22 18.28 17.49
C LEU C 108 -5.99 17.23 18.29
N LEU C 109 -6.38 16.14 17.63
CA LEU C 109 -7.10 15.07 18.29
C LEU C 109 -6.19 14.34 19.27
N ASP C 110 -4.97 14.10 18.84
CA ASP C 110 -3.99 13.43 19.68
C ASP C 110 -3.79 14.22 20.97
N GLN C 111 -3.73 15.54 20.86
CA GLN C 111 -3.52 16.40 22.02
C GLN C 111 -4.77 16.44 22.90
N ALA C 112 -5.94 16.51 22.28
CA ALA C 112 -7.18 16.54 23.06
C ALA C 112 -7.31 15.25 23.87
N VAL C 113 -6.92 14.12 23.29
CA VAL C 113 -7.00 12.85 24.00
C VAL C 113 -6.03 12.81 25.18
N ASP C 114 -4.79 13.23 24.94
CA ASP C 114 -3.79 13.25 26.00
C ASP C 114 -4.27 14.12 27.17
N ASP C 115 -4.84 15.29 26.86
CA ASP C 115 -5.32 16.18 27.91
C ASP C 115 -6.49 15.56 28.67
N TYR C 117 -7.17 12.38 29.25
CA TYR C 117 -6.68 11.36 30.16
C TYR C 117 -6.08 11.95 31.43
N LYS C 118 -5.10 12.83 31.27
CA LYS C 118 -4.44 13.45 32.42
C LYS C 118 -5.35 14.25 33.33
N ASN C 119 -6.24 15.05 32.75
CA ASN C 119 -7.16 15.86 33.53
C ASN C 119 -8.24 15.03 34.22
N ALA C 120 -8.79 14.06 33.51
CA ALA C 120 -9.80 13.20 34.11
C ALA C 120 -9.18 12.45 35.28
N ASP C 121 -7.94 12.00 35.13
CA ASP C 121 -7.27 11.27 36.20
C ASP C 121 -6.94 12.17 37.39
N ASN C 122 -6.58 13.41 37.12
CA ASN C 122 -6.27 14.34 38.22
C ASN C 122 -7.52 14.58 39.03
N GLU C 123 -8.64 14.71 38.34
CA GLU C 123 -9.90 14.94 39.02
C GLU C 123 -10.30 13.68 39.79
N LEU C 124 -10.18 12.53 39.16
CA LEU C 124 -10.54 11.28 39.80
C LEU C 124 -9.72 11.05 41.07
N VAL C 125 -8.41 11.24 40.98
CA VAL C 125 -7.54 11.03 42.12
C VAL C 125 -7.86 11.95 43.28
N LYS C 126 -8.34 13.16 42.99
CA LYS C 126 -8.70 14.07 44.06
C LYS C 126 -9.92 13.49 44.77
N CYS C 128 -10.60 10.35 44.94
CA CYS C 128 -10.08 9.20 45.68
C CYS C 128 -9.47 9.68 46.99
N GLU C 129 -8.84 10.85 46.93
CA GLU C 129 -8.22 11.44 48.12
C GLU C 129 -9.31 11.89 49.09
N GLN C 130 -10.31 12.55 48.54
CA GLN C 130 -11.43 13.06 49.31
C GLN C 130 -12.22 11.98 50.04
N LEU C 131 -12.46 10.84 49.37
CA LEU C 131 -13.24 9.77 49.99
C LEU C 131 -12.41 8.57 50.43
N ASN C 132 -11.11 8.78 50.61
CA ASN C 132 -10.20 7.73 51.01
C ASN C 132 -10.35 6.45 50.20
N LYS C 133 -10.08 6.55 48.91
CA LYS C 133 -10.14 5.40 48.00
C LYS C 133 -8.67 5.18 47.61
N ASP C 134 -7.95 4.48 48.48
CA ASP C 134 -6.52 4.25 48.28
C ASP C 134 -6.06 3.48 47.05
N TYR C 135 -6.78 2.43 46.66
CA TYR C 135 -6.31 1.63 45.53
C TYR C 135 -7.26 1.45 44.36
N ALA C 136 -8.52 1.88 44.49
CA ALA C 136 -9.47 1.74 43.40
C ALA C 136 -8.83 2.23 42.12
N SER C 137 -8.82 1.38 41.09
CA SER C 137 -8.20 1.73 39.80
C SER C 137 -9.07 1.25 38.63
N SER C 138 -8.66 1.60 37.42
CA SER C 138 -9.39 1.20 36.24
C SER C 138 -8.54 1.34 34.99
N THR C 139 -8.69 0.40 34.08
CA THR C 139 -7.97 0.46 32.82
C THR C 139 -8.84 1.35 31.97
N SER C 140 -8.41 1.61 30.75
CA SER C 140 -9.19 2.43 29.86
C SER C 140 -8.81 2.26 28.41
N VAL C 141 -9.83 2.18 27.57
CA VAL C 141 -9.68 2.12 26.12
C VAL C 141 -10.73 3.10 25.62
N THR C 142 -10.28 4.14 24.93
CA THR C 142 -11.19 5.14 24.43
C THR C 142 -10.95 5.41 22.96
N ALA C 143 -11.98 5.90 22.29
CA ALA C 143 -11.87 6.24 20.89
C ALA C 143 -12.69 7.49 20.61
N VAL C 144 -12.08 8.45 19.94
CA VAL C 144 -12.77 9.67 19.59
C VAL C 144 -12.90 9.66 18.07
N LEU C 145 -14.13 9.65 17.59
CA LEU C 145 -14.41 9.69 16.16
C LEU C 145 -14.64 11.15 15.78
N ALA C 146 -13.89 11.63 14.78
CA ALA C 146 -14.02 13.00 14.33
C ALA C 146 -13.75 13.15 12.84
N LYS C 147 -14.83 13.36 12.08
CA LYS C 147 -14.75 13.54 10.63
C LYS C 147 -13.75 12.62 9.93
N GLY C 148 -14.04 11.32 9.93
CA GLY C 148 -13.17 10.37 9.26
C GLY C 148 -11.89 9.97 9.98
N PHE C 149 -11.73 10.40 11.23
CA PHE C 149 -10.56 10.05 12.01
C PHE C 149 -10.95 9.44 13.36
N VAL C 150 -10.16 8.49 13.82
CA VAL C 150 -10.42 7.87 15.12
C VAL C 150 -9.17 8.00 15.99
N ALA C 151 -9.30 8.75 17.08
CA ALA C 151 -8.21 8.96 18.01
C ALA C 151 -8.36 7.96 19.14
N VAL C 152 -7.55 6.92 19.10
CA VAL C 152 -7.56 5.86 20.10
C VAL C 152 -6.53 6.12 21.21
N GLY C 153 -6.95 5.90 22.45
CA GLY C 153 -6.06 6.08 23.58
C GLY C 153 -6.35 4.99 24.60
N HIS C 154 -5.37 4.64 25.43
CA HIS C 154 -5.61 3.61 26.43
C HIS C 154 -4.63 3.63 27.59
N LEU C 155 -5.05 3.00 28.67
CA LEU C 155 -4.25 2.85 29.88
C LEU C 155 -4.59 1.47 30.42
N GLY C 156 -3.59 0.62 30.58
CA GLY C 156 -3.86 -0.70 31.12
C GLY C 156 -3.89 -1.84 30.12
N ASP C 157 -4.69 -2.87 30.43
CA ASP C 157 -4.79 -4.03 29.57
C ASP C 157 -6.14 -4.31 28.90
N SER C 158 -6.95 -3.28 28.73
CA SER C 158 -8.20 -3.45 27.99
C SER C 158 -7.67 -3.18 26.57
N ARG C 159 -8.39 -3.64 25.54
CA ARG C 159 -7.91 -3.44 24.17
C ARG C 159 -8.99 -3.05 23.19
N ILE C 160 -8.56 -2.57 22.03
CA ILE C 160 -9.46 -2.20 20.95
C ILE C 160 -8.99 -2.97 19.73
N ALA C 161 -9.88 -3.78 19.14
CA ALA C 161 -9.54 -4.53 17.96
C ALA C 161 -10.19 -3.86 16.75
N GLY C 163 -11.15 -4.24 12.42
CA GLY C 163 -11.31 -5.16 11.31
C GLY C 163 -11.38 -4.36 10.03
N VAL C 164 -10.39 -4.54 9.17
CA VAL C 164 -10.34 -3.83 7.89
C VAL C 164 -10.34 -4.84 6.75
N GLU C 165 -11.19 -4.62 5.76
CA GLU C 165 -11.26 -5.53 4.63
C GLU C 165 -10.17 -5.29 3.60
N THR C 166 -9.59 -6.37 3.11
CA THR C 166 -8.55 -6.31 2.10
C THR C 166 -8.99 -7.24 0.97
N PRO C 167 -8.31 -7.20 -0.18
CA PRO C 167 -8.73 -8.09 -1.25
C PRO C 167 -8.46 -9.57 -0.93
N ASN C 168 -7.88 -9.84 0.24
CA ASN C 168 -7.59 -11.22 0.64
C ASN C 168 -8.30 -11.62 1.93
N GLY C 169 -9.28 -10.84 2.35
CA GLY C 169 -10.00 -11.14 3.58
C GLY C 169 -9.86 -10.04 4.63
N LEU C 170 -10.35 -10.32 5.83
CA LEU C 170 -10.30 -9.37 6.94
C LEU C 170 -8.94 -9.28 7.65
N ASN C 171 -8.44 -8.05 7.77
CA ASN C 171 -7.18 -7.78 8.47
C ASN C 171 -7.66 -7.42 9.86
N CYS C 172 -7.31 -8.22 10.86
CA CYS C 172 -7.74 -7.95 12.22
C CYS C 172 -6.54 -7.77 13.14
N GLU C 173 -6.56 -6.69 13.92
CA GLU C 173 -5.44 -6.44 14.81
C GLU C 173 -5.88 -5.58 15.97
N PHE C 174 -5.04 -5.52 16.99
CA PHE C 174 -5.31 -4.70 18.16
C PHE C 174 -4.61 -3.38 17.89
N LEU C 175 -5.28 -2.28 18.21
CA LEU C 175 -4.72 -0.95 18.01
C LEU C 175 -3.97 -0.51 19.27
N THR C 176 -4.03 -1.35 20.29
CA THR C 176 -3.38 -1.04 21.57
C THR C 176 -2.50 -2.19 22.06
N VAL C 177 -1.43 -1.85 22.78
CA VAL C 177 -0.54 -2.84 23.35
C VAL C 177 -0.64 -2.67 24.87
N ASP C 178 -0.87 -3.78 25.58
CA ASP C 178 -1.03 -3.77 27.03
C ASP C 178 0.11 -3.10 27.78
N HIS C 179 -0.23 -2.37 28.84
CA HIS C 179 0.74 -1.72 29.71
C HIS C 179 0.98 -2.73 30.84
N LYS C 180 2.04 -3.51 30.70
CA LYS C 180 2.40 -4.53 31.67
C LYS C 180 3.65 -4.09 32.43
N PRO C 181 3.69 -4.32 33.76
CA PRO C 181 4.85 -3.93 34.58
C PRO C 181 6.16 -4.61 34.24
N ASP C 182 6.12 -5.74 33.54
CA ASP C 182 7.35 -6.41 33.16
C ASP C 182 7.88 -5.97 31.80
N PRO C 184 10.06 -3.90 29.75
CA PRO C 184 11.28 -3.19 30.12
C PRO C 184 11.17 -1.74 30.59
N HIS C 185 10.65 -0.85 29.75
CA HIS C 185 10.55 0.55 30.16
C HIS C 185 9.53 0.85 31.25
N GLU C 186 8.49 0.03 31.36
CA GLU C 186 7.51 0.22 32.42
C GLU C 186 8.19 -0.17 33.74
N LYS C 187 8.88 -1.30 33.71
CA LYS C 187 9.57 -1.81 34.88
C LYS C 187 10.61 -0.78 35.38
N LEU C 188 11.31 -0.15 34.45
CA LEU C 188 12.30 0.86 34.82
C LEU C 188 11.66 2.03 35.53
N ARG C 189 10.55 2.52 34.99
CA ARG C 189 9.85 3.66 35.61
C ARG C 189 9.39 3.31 37.01
N ILE C 190 8.87 2.10 37.18
CA ILE C 190 8.38 1.66 38.48
C ILE C 190 9.49 1.64 39.53
N ARG C 192 12.51 3.20 39.36
CA ARG C 192 13.04 4.54 39.58
C ARG C 192 12.16 5.36 40.51
N ASN C 193 10.87 5.04 40.55
CA ASN C 193 9.94 5.76 41.41
C ASN C 193 9.71 5.11 42.77
N GLY C 194 10.51 4.10 43.10
CA GLY C 194 10.38 3.45 44.38
C GLY C 194 9.44 2.26 44.49
N GLY C 195 8.78 1.87 43.41
CA GLY C 195 7.91 0.72 43.48
C GLY C 195 8.69 -0.54 43.09
N SER C 196 8.01 -1.67 42.96
CA SER C 196 8.69 -2.90 42.56
C SER C 196 7.78 -3.74 41.69
N VAL C 197 8.38 -4.64 40.90
CA VAL C 197 7.62 -5.53 40.04
C VAL C 197 7.81 -6.93 40.62
N GLU C 198 6.73 -7.51 41.12
CA GLU C 198 6.79 -8.81 41.76
C GLU C 198 6.29 -9.96 40.89
N TYR C 199 7.13 -10.98 40.78
CA TYR C 199 6.80 -12.16 40.00
C TYR C 199 6.51 -13.26 41.05
N LEU C 200 5.23 -13.50 41.33
CA LEU C 200 4.85 -14.48 42.34
C LEU C 200 4.86 -15.95 41.91
N HIS C 201 5.12 -16.81 42.88
CA HIS C 201 5.19 -18.26 42.67
C HIS C 201 3.99 -18.78 41.89
N ASN C 202 4.27 -19.54 40.83
CA ASN C 202 3.26 -20.11 39.95
C ASN C 202 2.59 -19.08 39.04
N HIS C 203 3.02 -17.83 39.13
CA HIS C 203 2.45 -16.78 38.30
C HIS C 203 3.52 -15.86 37.73
N ASN C 204 4.62 -16.43 37.26
CA ASN C 204 5.73 -15.66 36.70
C ASN C 204 5.33 -14.84 35.48
N ASN C 205 4.34 -15.29 34.75
CA ASN C 205 3.91 -14.59 33.55
C ASN C 205 3.01 -13.39 33.76
N LYS C 206 2.54 -13.20 34.98
CA LYS C 206 1.66 -12.06 35.29
C LYS C 206 2.12 -11.33 36.55
N PRO C 207 3.25 -10.61 36.46
CA PRO C 207 3.82 -9.85 37.57
C PRO C 207 2.91 -8.72 38.07
N PHE C 208 3.20 -8.23 39.27
CA PHE C 208 2.43 -7.17 39.92
C PHE C 208 3.23 -5.89 40.12
N ILE C 209 2.59 -4.73 39.97
CA ILE C 209 3.29 -3.49 40.28
C ILE C 209 2.97 -3.34 41.76
N ARG C 210 3.99 -3.08 42.57
CA ARG C 210 3.79 -2.97 44.02
C ARG C 210 4.39 -1.68 44.57
N GLY C 211 3.66 -1.00 45.44
CA GLY C 211 4.16 0.23 46.02
C GLY C 211 5.37 0.02 46.93
N GLY C 212 6.18 1.06 47.08
CA GLY C 212 7.35 0.97 47.93
C GLY C 212 6.99 0.83 49.39
N ASP C 213 5.73 1.11 49.72
CA ASP C 213 5.27 1.00 51.10
C ASP C 213 4.43 -0.25 51.36
N PHE C 214 4.43 -1.18 50.40
CA PHE C 214 3.66 -2.43 50.50
C PHE C 214 3.94 -3.29 51.74
N SER C 215 5.19 -3.72 51.90
CA SER C 215 5.53 -4.58 53.03
C SER C 215 5.23 -3.89 54.36
N PHE C 216 5.43 -2.57 54.40
CA PHE C 216 5.17 -1.77 55.59
C PHE C 216 3.68 -1.83 55.98
N ARG C 217 2.82 -1.49 55.02
CA ARG C 217 1.38 -1.48 55.25
C ARG C 217 0.84 -2.86 55.59
N LYS C 218 1.39 -3.88 54.96
CA LYS C 218 0.97 -5.25 55.23
C LYS C 218 1.29 -5.62 56.68
N SER C 219 2.51 -5.33 57.12
CA SER C 219 2.92 -5.64 58.50
C SER C 219 2.03 -4.90 59.50
N ARG C 220 1.47 -3.76 59.09
CA ARG C 220 0.57 -3.02 59.98
C ARG C 220 -0.78 -3.71 60.00
N GLY C 221 -0.86 -4.86 59.35
CA GLY C 221 -2.11 -5.58 59.31
C GLY C 221 -3.04 -4.96 58.29
N GLU C 222 -2.59 -3.93 57.61
CA GLU C 222 -3.40 -3.28 56.59
C GLU C 222 -3.43 -4.20 55.37
N GLN C 223 -4.09 -3.76 54.31
CA GLN C 223 -4.17 -4.55 53.10
C GLN C 223 -3.77 -3.74 51.87
N PRO C 224 -2.47 -3.48 51.69
CA PRO C 224 -2.03 -2.70 50.53
C PRO C 224 -2.38 -3.50 49.28
N GLN C 226 -2.05 -4.24 44.83
CA GLN C 226 -1.11 -4.30 43.72
C GLN C 226 -1.90 -4.54 42.44
N LEU C 227 -1.33 -4.13 41.31
CA LEU C 227 -2.01 -4.30 40.03
C LEU C 227 -1.18 -5.14 39.06
N GLN C 228 -1.84 -5.67 38.04
CA GLN C 228 -1.15 -6.46 37.04
C GLN C 228 -0.95 -5.70 35.73
N TYR C 229 -1.28 -4.41 35.75
CA TYR C 229 -1.04 -3.53 34.61
C TYR C 229 -0.36 -2.30 35.20
N SER C 230 0.49 -1.65 34.40
CA SER C 230 1.30 -0.55 34.88
C SER C 230 0.86 0.90 34.65
N ARG C 231 -0.31 1.08 34.04
CA ARG C 231 -0.85 2.42 33.80
C ARG C 231 -2.35 2.32 34.02
N ALA C 232 -2.94 3.35 34.63
CA ALA C 232 -4.35 3.30 34.91
C ALA C 232 -4.91 4.58 35.49
N PHE C 233 -6.24 4.63 35.57
CA PHE C 233 -6.95 5.75 36.17
C PHE C 233 -7.03 5.38 37.64
N GLY C 234 -6.93 6.36 38.53
CA GLY C 234 -7.01 6.06 39.95
C GLY C 234 -5.73 5.47 40.53
N GLY C 235 -5.87 4.45 41.37
CA GLY C 235 -4.72 3.83 42.00
C GLY C 235 -3.90 4.87 42.75
N LYS C 236 -4.60 5.69 43.54
CA LYS C 236 -3.98 6.77 44.32
C LYS C 236 -2.63 6.40 44.97
N ASP C 237 -2.63 5.36 45.79
CA ASP C 237 -1.43 4.94 46.51
C ASP C 237 -0.35 4.20 45.70
N LEU C 238 -0.45 4.23 44.38
CA LEU C 238 0.53 3.60 43.51
C LEU C 238 1.01 4.63 42.51
N LYS C 239 0.24 5.71 42.38
CA LYS C 239 0.56 6.77 41.42
C LYS C 239 1.92 7.42 41.68
N TYR C 241 4.43 5.61 42.79
CA TYR C 241 5.37 4.49 42.68
C TYR C 241 5.46 3.88 41.27
N GLY C 242 5.16 4.67 40.23
CA GLY C 242 5.26 4.12 38.88
C GLY C 242 3.99 3.89 38.09
N LEU C 243 2.82 3.90 38.75
CA LEU C 243 1.57 3.71 38.01
C LEU C 243 1.37 5.04 37.26
N SER C 244 1.40 5.00 35.93
CA SER C 244 1.27 6.20 35.11
C SER C 244 -0.14 6.47 34.59
N ASN C 245 -0.42 7.73 34.26
CA ASN C 245 -1.71 8.08 33.68
C ASN C 245 -1.48 8.53 32.24
N GLN C 246 -0.25 8.35 31.77
CA GLN C 246 0.12 8.70 30.40
C GLN C 246 -0.39 7.65 29.41
N PRO C 247 -1.39 8.02 28.59
CA PRO C 247 -1.90 7.03 27.65
C PRO C 247 -1.06 6.91 26.38
N ASP C 248 -1.28 5.83 25.64
CA ASP C 248 -0.62 5.64 24.36
C ASP C 248 -1.75 6.17 23.48
N VAL C 249 -1.40 6.91 22.44
CA VAL C 249 -2.42 7.47 21.56
C VAL C 249 -2.10 7.22 20.11
N ARG C 250 -3.09 6.74 19.37
CA ARG C 250 -2.89 6.47 17.97
C ARG C 250 -4.10 7.02 17.21
N VAL C 251 -3.83 7.79 16.16
CA VAL C 251 -4.90 8.34 15.34
C VAL C 251 -4.91 7.58 14.02
N VAL C 252 -6.06 7.01 13.68
CA VAL C 252 -6.20 6.25 12.46
C VAL C 252 -7.22 6.90 11.52
N ARG C 253 -6.96 6.81 10.22
CA ARG C 253 -7.87 7.37 9.23
C ARG C 253 -8.82 6.28 8.79
N VAL C 254 -10.11 6.48 9.06
CA VAL C 254 -11.12 5.49 8.68
C VAL C 254 -11.23 5.43 7.15
N THR C 255 -10.91 4.27 6.59
CA THR C 255 -10.99 4.08 5.15
C THR C 255 -12.30 3.40 4.77
N PRO C 256 -12.63 3.38 3.47
CA PRO C 256 -13.87 2.71 3.05
C PRO C 256 -13.81 1.22 3.38
N GLN C 257 -12.61 0.71 3.63
CA GLN C 257 -12.44 -0.71 3.96
C GLN C 257 -12.60 -1.02 5.45
N HIS C 258 -12.54 0.02 6.29
CA HIS C 258 -12.71 -0.18 7.73
C HIS C 258 -14.12 -0.67 8.01
N ARG C 259 -14.23 -1.86 8.58
CA ARG C 259 -15.53 -2.44 8.86
C ARG C 259 -15.99 -2.33 10.30
N VAL C 260 -15.12 -2.70 11.23
CA VAL C 260 -15.55 -2.67 12.63
C VAL C 260 -14.45 -2.39 13.66
N ILE C 262 -13.82 -2.76 17.90
CA ILE C 262 -14.34 -3.39 19.11
C ILE C 262 -13.55 -2.99 20.34
N LEU C 263 -14.22 -2.32 21.29
CA LEU C 263 -13.58 -1.93 22.54
C LEU C 263 -14.11 -2.92 23.57
N ALA C 264 -13.21 -3.51 24.35
CA ALA C 264 -13.63 -4.48 25.36
C ALA C 264 -12.59 -4.65 26.45
N THR C 265 -13.02 -5.28 27.54
CA THR C 265 -12.15 -5.53 28.68
C THR C 265 -11.45 -6.88 28.49
N ASP C 266 -10.47 -7.18 29.34
CA ASP C 266 -9.74 -8.44 29.24
C ASP C 266 -10.69 -9.62 29.48
N GLY C 267 -11.89 -9.33 29.96
CA GLY C 267 -12.86 -10.39 30.16
C GLY C 267 -13.17 -11.06 28.83
N LEU C 268 -13.01 -10.32 27.74
CA LEU C 268 -13.24 -10.84 26.41
C LEU C 268 -11.91 -11.29 25.79
N TRP C 269 -10.92 -10.42 25.84
CA TRP C 269 -9.62 -10.67 25.25
C TRP C 269 -8.82 -11.82 25.84
N ASP C 270 -9.05 -12.17 27.10
CA ASP C 270 -8.31 -13.30 27.68
C ASP C 270 -8.75 -14.61 27.05
N VAL C 271 -9.85 -14.58 26.31
CA VAL C 271 -10.37 -15.78 25.66
C VAL C 271 -10.29 -15.73 24.15
N SER C 273 -9.20 -13.93 20.33
CA SER C 273 -8.18 -13.16 19.60
C SER C 273 -8.92 -12.05 18.87
N ALA C 274 -8.17 -11.10 18.33
CA ALA C 274 -8.77 -9.99 17.60
C ALA C 274 -9.62 -10.52 16.44
N ALA C 275 -9.05 -11.43 15.68
CA ALA C 275 -9.74 -12.03 14.53
C ALA C 275 -11.01 -12.76 14.94
N GLN C 276 -10.94 -13.53 16.04
CA GLN C 276 -12.11 -14.26 16.51
C GLN C 276 -13.21 -13.28 16.88
N ALA C 277 -12.84 -12.20 17.55
CA ALA C 277 -13.81 -11.20 17.96
C ALA C 277 -14.46 -10.55 16.74
N VAL C 278 -13.63 -10.09 15.80
CA VAL C 278 -14.16 -9.46 14.59
C VAL C 278 -15.10 -10.39 13.83
N GLU C 279 -14.72 -11.66 13.71
CA GLU C 279 -15.54 -12.64 13.00
C GLU C 279 -16.91 -12.81 13.64
N ILE C 280 -16.91 -13.01 14.96
CA ILE C 280 -18.18 -13.18 15.68
C ILE C 280 -19.06 -11.94 15.52
N ALA C 281 -18.41 -10.77 15.53
CA ALA C 281 -19.13 -9.51 15.41
C ALA C 281 -19.76 -9.34 14.03
N GLN C 283 -20.33 -11.68 11.77
CA GLN C 283 -21.30 -12.74 11.54
C GLN C 283 -22.64 -12.41 12.19
N ALA C 284 -22.60 -11.91 13.41
CA ALA C 284 -23.82 -11.57 14.12
C ALA C 284 -24.55 -10.44 13.39
N ARG C 285 -23.80 -9.43 12.97
CA ARG C 285 -24.39 -8.30 12.28
C ARG C 285 -25.06 -8.78 10.99
N GLN C 286 -24.36 -9.61 10.23
CA GLN C 286 -24.89 -10.13 8.98
C GLN C 286 -26.18 -10.94 9.21
N GLU C 287 -26.35 -11.42 10.43
CA GLU C 287 -27.52 -12.21 10.79
C GLU C 287 -28.59 -11.42 11.55
N GLY C 288 -28.37 -10.13 11.70
CA GLY C 288 -29.34 -9.31 12.41
C GLY C 288 -29.36 -9.55 13.92
N ARG C 289 -28.25 -10.08 14.46
CA ARG C 289 -28.17 -10.32 15.89
C ARG C 289 -27.34 -9.22 16.54
N ASN C 290 -27.44 -9.11 17.86
CA ASN C 290 -26.71 -8.11 18.62
C ASN C 290 -25.23 -8.52 18.65
N PRO C 291 -24.37 -7.85 17.87
CA PRO C 291 -22.93 -8.15 17.80
C PRO C 291 -22.23 -8.15 19.16
N ALA C 292 -22.49 -7.12 19.96
CA ALA C 292 -21.87 -7.01 21.28
C ALA C 292 -22.32 -8.15 22.19
N GLN C 293 -23.60 -8.47 22.16
CA GLN C 293 -24.13 -9.54 23.00
C GLN C 293 -23.54 -10.88 22.56
N ALA C 294 -23.36 -11.05 21.27
CA ALA C 294 -22.79 -12.28 20.72
C ALA C 294 -21.38 -12.49 21.27
N LEU C 295 -20.57 -11.43 21.27
CA LEU C 295 -19.21 -11.53 21.78
C LEU C 295 -19.20 -11.98 23.24
N VAL C 296 -20.06 -11.36 24.05
CA VAL C 296 -20.15 -11.69 25.47
C VAL C 296 -20.67 -13.12 25.69
N GLU C 297 -21.78 -13.45 25.06
CA GLU C 297 -22.36 -14.79 25.21
C GLU C 297 -21.44 -15.89 24.69
N THR C 299 -18.28 -15.84 24.59
CA THR C 299 -17.18 -15.95 25.53
C THR C 299 -17.59 -16.65 26.83
N LEU C 300 -18.77 -16.32 27.34
CA LEU C 300 -19.26 -16.94 28.55
C LEU C 300 -19.49 -18.44 28.34
N ALA C 301 -19.96 -18.81 27.15
CA ALA C 301 -20.23 -20.20 26.83
C ALA C 301 -18.92 -20.97 26.73
N GLU C 302 -17.90 -20.31 26.20
CA GLU C 302 -16.59 -20.95 26.05
C GLU C 302 -16.00 -21.24 27.43
N GLN C 303 -16.09 -20.28 28.34
CA GLN C 303 -15.56 -20.44 29.69
C GLN C 303 -16.28 -21.58 30.41
N GLN C 304 -17.57 -21.74 30.11
CA GLN C 304 -18.37 -22.78 30.72
C GLN C 304 -17.86 -24.13 30.26
N SER C 305 -17.43 -24.21 29.00
CA SER C 305 -16.90 -25.44 28.44
C SER C 305 -15.54 -25.79 29.03
N ARG C 306 -14.85 -24.79 29.58
CA ARG C 306 -13.53 -25.00 30.17
C ARG C 306 -13.58 -25.11 31.68
N ASN C 307 -14.77 -25.01 32.26
CA ASN C 307 -14.90 -25.05 33.71
C ASN C 307 -14.14 -23.90 34.33
N GLN C 308 -14.16 -22.76 33.63
CA GLN C 308 -13.48 -21.56 34.10
C GLN C 308 -14.51 -20.52 34.55
N SER C 309 -14.30 -19.95 35.73
CA SER C 309 -15.19 -18.91 36.24
C SER C 309 -14.91 -17.69 35.36
N ALA C 310 -15.95 -17.12 34.78
CA ALA C 310 -15.77 -15.98 33.88
C ALA C 310 -15.54 -14.65 34.59
N ASP C 311 -14.75 -13.79 33.97
CA ASP C 311 -14.45 -12.47 34.51
C ASP C 311 -15.55 -11.53 34.04
N ASN C 312 -15.61 -10.31 34.55
CA ASN C 312 -16.61 -9.37 34.06
C ASN C 312 -16.26 -9.24 32.59
N ILE C 313 -17.28 -9.22 31.73
CA ILE C 313 -17.02 -9.08 30.30
C ILE C 313 -17.87 -7.96 29.74
N THR C 314 -17.20 -7.01 29.09
CA THR C 314 -17.87 -5.87 28.49
C THR C 314 -17.36 -5.66 27.07
N ALA C 315 -18.29 -5.54 26.12
CA ALA C 315 -17.89 -5.33 24.73
C ALA C 315 -18.74 -4.25 24.07
N THR C 317 -19.29 -2.72 20.25
CA THR C 317 -19.02 -2.92 18.83
C THR C 317 -19.43 -1.72 17.98
N VAL C 318 -18.47 -1.19 17.23
CA VAL C 318 -18.74 -0.03 16.38
C VAL C 318 -18.47 -0.36 14.92
N PHE C 319 -19.51 -0.27 14.10
CA PHE C 319 -19.41 -0.53 12.67
C PHE C 319 -19.39 0.75 11.87
N PHE C 320 -18.39 0.90 11.01
CA PHE C 320 -18.27 2.10 10.19
C PHE C 320 -19.19 2.01 8.98
N LYS C 321 -19.48 3.15 8.36
CA LYS C 321 -20.36 3.17 7.19
C LYS C 321 -19.86 4.15 6.13
#